data_3TZV
#
_entry.id   3TZV
#
_cell.length_a   66.591
_cell.length_b   117.605
_cell.length_c   190.656
_cell.angle_alpha   90.00
_cell.angle_beta   90.00
_cell.angle_gamma   90.00
#
_symmetry.space_group_name_H-M   'P 21 21 21'
#
loop_
_entity.id
_entity.type
_entity.pdbx_description
1 polymer 'Invariant Natural Killer T Cell Receptor chain A'
2 polymer 'Invariant Natural Killer T Cell Receptor chain B'
3 polymer 'Antigen-presenting glycoprotein CD1d'
4 polymer Beta-2-microglobulin
5 branched alpha-L-fucopyranose-(1-6)-2-acetamido-2-deoxy-beta-D-glucopyranose
6 non-polymer '(4R,7R,18E)-4,7-dihydroxy-N,N,N-trimethyl-10-oxo-3,5,9-trioxa-4-phosphaheptacos-18-en-1-aminium 4-oxide'
7 non-polymer HEXANE
8 non-polymer DODECANE
9 non-polymer GLYCEROL
10 water water
#
loop_
_entity_poly.entity_id
_entity_poly.type
_entity_poly.pdbx_seq_one_letter_code
_entity_poly.pdbx_strand_id
1 'polypeptide(L)'
;MGKNQVEQSPQSLIILEGKNCTLQCNYTVSPFSNLRWYKQDTGRGPVSLTIMTFSENTKSNGRYTATLDADTKQSSLHIT
ASQLSDSASYICVVSDRGSTLGRLYFGRGTQLTVWPDIQNPDPAVYQLRDSKSSDKSVCLFTDFDSQTNVSQSKDSDVYI
TDKCVLDMRSMDFKSNSAVAWSNKSDFACANAFNNSIIPEDTFFPSPESSALE
;
A,G
2 'polypeptide(L)'
;MSEADIYQTPRYLVIGTGKKITLECSQTMGHDKMYWYQQDPGMELHLIHYSYGVNSTEKGDLSSESTVSRIRTEHFPLTL
ESARPSHTSQYLCASSEEGALKESVGTQYFGPGTRLLVLEDLKNVFPPEVAVFEPSEAEISHTQKATLVCLATGFYPDHV
ELSWWVNGKEVHSGVCTDPQPLKEQPALNDSRYALSSRLRVSATFWQNPRNHFRCQVQFYGLSENDEWTQDRAKPVTQIV
SAEAWGRADSVDKLAAALE
;
B,H
3 'polypeptide(L)'
;PVPQRLFPLRCLQISSFANSSWTRTDGLAWLGELQTHSWSQDSDTVRSLKPWSQGTFSDQQWETLQHIFRVYRSSFTRDV
KEFAKMLRLSYPLELQVSAGCEVHPGQASNNFFHVAFQGKDILSFQGTSWEPTQEAPLWVNLAIQVLNQDKWTRETVQWL
LQGTCPQFVSGLLESGKSELKKQVKPKAWLSRGPSPGPGRLLLVCHVSGFYPKPVWVKWMRGEQEQQGTQPGDILPNADE
TWYLRATLDVVAGEAAGLSCRVKHSSLEGQDIVLYW
;
C
4 'polypeptide(L)'
;IQRTPKIQVYSRHPAENGKSNFLNCYVSGFHPSDIEVDLLKNGERIEKVEHSDLSFSKDWSFYLLYYTEFTPTEKDEYAC
RVNHVTLSQPKIVKWDRDM
;
D
#
# COMPACT_ATOMS: atom_id res chain seq x y z
N ASN A 4 11.54 -27.51 -24.07
CA ASN A 4 11.17 -28.33 -22.92
C ASN A 4 9.67 -28.64 -22.90
N GLN A 5 9.33 -29.84 -22.43
CA GLN A 5 7.95 -30.31 -22.46
C GLN A 5 7.09 -29.71 -21.35
N VAL A 6 7.74 -29.08 -20.37
CA VAL A 6 7.01 -28.48 -19.25
C VAL A 6 7.44 -27.04 -19.00
N GLU A 7 6.51 -26.10 -19.15
CA GLU A 7 6.79 -24.70 -18.92
C GLU A 7 5.97 -24.16 -17.75
N GLN A 8 6.61 -23.39 -16.88
CA GLN A 8 5.94 -22.81 -15.73
C GLN A 8 5.86 -21.29 -15.83
N SER A 9 4.88 -20.71 -15.14
CA SER A 9 4.74 -19.26 -15.06
C SER A 9 4.03 -18.89 -13.76
N PRO A 10 4.44 -17.77 -13.16
CA PRO A 10 5.48 -16.87 -13.66
C PRO A 10 6.87 -17.36 -13.28
N GLN A 11 7.90 -16.67 -13.75
CA GLN A 11 9.27 -17.04 -13.41
C GLN A 11 9.53 -16.84 -11.92
N SER A 12 9.06 -15.72 -11.40
CA SER A 12 9.17 -15.45 -9.97
C SER A 12 8.23 -14.31 -9.58
N LEU A 13 7.83 -14.28 -8.31
CA LEU A 13 6.94 -13.23 -7.83
C LEU A 13 7.11 -13.00 -6.33
N ILE A 14 6.83 -11.78 -5.90
CA ILE A 14 6.91 -11.40 -4.50
C ILE A 14 5.54 -10.98 -3.98
N ILE A 15 5.19 -11.43 -2.78
CA ILE A 15 3.87 -11.16 -2.21
C ILE A 15 3.92 -10.97 -0.71
N LEU A 16 3.08 -10.07 -0.20
CA LEU A 16 2.94 -9.87 1.24
C LEU A 16 2.23 -11.07 1.87
N GLU A 17 2.61 -11.43 3.10
CA GLU A 17 1.97 -12.53 3.79
C GLU A 17 0.51 -12.23 4.00
N GLY A 18 -0.33 -13.27 3.97
CA GLY A 18 -1.77 -13.10 4.13
C GLY A 18 -2.48 -13.02 2.79
N LYS A 19 -1.79 -12.49 1.79
CA LYS A 19 -2.34 -12.39 0.45
C LYS A 19 -2.34 -13.75 -0.25
N ASN A 20 -3.02 -13.83 -1.39
CA ASN A 20 -3.08 -15.07 -2.14
C ASN A 20 -2.23 -15.03 -3.41
N CYS A 21 -2.03 -16.20 -4.02
CA CYS A 21 -1.33 -16.29 -5.29
C CYS A 21 -1.63 -17.60 -5.99
N THR A 22 -1.35 -17.65 -7.29
CA THR A 22 -1.64 -18.84 -8.10
C THR A 22 -0.52 -19.09 -9.09
N LEU A 23 0.08 -20.27 -8.98
CA LEU A 23 1.20 -20.62 -9.86
C LEU A 23 0.69 -21.42 -11.05
N GLN A 24 1.27 -21.17 -12.22
CA GLN A 24 0.79 -21.78 -13.46
C GLN A 24 1.75 -22.86 -13.96
N CYS A 25 1.21 -23.78 -14.76
CA CYS A 25 2.02 -24.86 -15.34
C CYS A 25 1.38 -25.39 -16.62
N ASN A 26 2.16 -25.42 -17.70
CA ASN A 26 1.66 -25.88 -18.99
C ASN A 26 2.58 -26.92 -19.59
N TYR A 27 2.03 -28.08 -19.92
CA TYR A 27 2.83 -29.20 -20.41
C TYR A 27 2.39 -29.65 -21.81
N THR A 28 3.34 -30.20 -22.56
CA THR A 28 3.06 -30.74 -23.89
C THR A 28 3.40 -32.22 -23.87
N VAL A 29 3.71 -32.74 -22.69
CA VAL A 29 4.07 -34.15 -22.52
C VAL A 29 2.94 -35.07 -22.98
N SER A 30 3.32 -36.13 -23.69
CA SER A 30 2.35 -37.09 -24.22
C SER A 30 2.95 -38.48 -24.33
N PRO A 31 2.22 -39.50 -23.85
CA PRO A 31 0.89 -39.34 -23.24
C PRO A 31 0.98 -38.80 -21.82
N PHE A 32 -0.16 -38.41 -21.26
CA PHE A 32 -0.21 -37.86 -19.91
C PHE A 32 -0.74 -38.88 -18.90
N SER A 33 -0.05 -39.00 -17.77
CA SER A 33 -0.46 -39.91 -16.72
C SER A 33 -0.88 -39.17 -15.47
N ASN A 34 0.00 -38.31 -14.95
CA ASN A 34 -0.30 -37.58 -13.73
C ASN A 34 0.58 -36.34 -13.54
N LEU A 35 0.13 -35.43 -12.67
CA LEU A 35 0.78 -34.15 -12.45
C LEU A 35 1.11 -33.96 -10.97
N ARG A 36 2.36 -33.61 -10.68
CA ARG A 36 2.78 -33.38 -9.30
C ARG A 36 3.21 -31.95 -9.05
N TRP A 37 3.12 -31.53 -7.80
CA TRP A 37 3.62 -30.21 -7.38
C TRP A 37 4.60 -30.37 -6.23
N TYR A 38 5.85 -29.99 -6.47
CA TYR A 38 6.89 -30.06 -5.45
C TYR A 38 7.24 -28.67 -4.91
N LYS A 39 7.46 -28.59 -3.61
CA LYS A 39 7.95 -27.35 -2.99
C LYS A 39 9.36 -27.58 -2.48
N GLN A 40 10.31 -26.77 -2.95
CA GLN A 40 11.71 -26.95 -2.59
C GLN A 40 12.30 -25.71 -1.92
N ASP A 41 12.41 -25.75 -0.60
CA ASP A 41 12.99 -24.64 0.17
C ASP A 41 14.48 -24.47 -0.13
N THR A 42 15.00 -23.28 0.17
CA THR A 42 16.39 -22.95 -0.08
C THR A 42 17.33 -23.99 0.52
N GLY A 43 18.16 -24.60 -0.33
CA GLY A 43 19.13 -25.57 0.14
C GLY A 43 18.51 -26.72 0.91
N ARG A 44 17.48 -27.33 0.33
CA ARG A 44 16.84 -28.47 0.95
C ARG A 44 16.25 -29.38 -0.12
N GLY A 45 15.70 -30.50 0.30
CA GLY A 45 15.11 -31.45 -0.63
C GLY A 45 13.75 -31.02 -1.15
N PRO A 46 13.50 -31.27 -2.43
CA PRO A 46 12.16 -31.06 -2.99
C PRO A 46 11.13 -31.90 -2.23
N VAL A 47 10.06 -31.26 -1.78
CA VAL A 47 9.01 -31.95 -1.04
C VAL A 47 7.73 -32.02 -1.85
N SER A 48 7.10 -33.19 -1.85
CA SER A 48 5.89 -33.40 -2.64
C SER A 48 4.66 -32.84 -1.94
N LEU A 49 3.93 -31.98 -2.64
CA LEU A 49 2.72 -31.38 -2.11
C LEU A 49 1.49 -32.19 -2.49
N THR A 50 1.30 -32.37 -3.80
CA THR A 50 0.11 -33.05 -4.30
C THR A 50 0.39 -33.90 -5.54
N ILE A 51 -0.33 -35.00 -5.67
CA ILE A 51 -0.28 -35.82 -6.87
C ILE A 51 -1.66 -35.79 -7.54
N MET A 52 -1.68 -35.64 -8.86
CA MET A 52 -2.94 -35.59 -9.59
C MET A 52 -2.97 -36.50 -10.81
N THR A 53 -3.90 -37.45 -10.82
CA THR A 53 -4.17 -38.24 -12.02
C THR A 53 -5.18 -37.49 -12.87
N PHE A 54 -5.26 -37.84 -14.15
CA PHE A 54 -6.15 -37.11 -15.07
C PHE A 54 -7.62 -37.21 -14.68
N SER A 55 -7.95 -38.22 -13.88
CA SER A 55 -9.33 -38.41 -13.43
C SER A 55 -9.72 -37.41 -12.35
N GLU A 56 -8.71 -36.76 -11.76
CA GLU A 56 -8.95 -35.78 -10.71
C GLU A 56 -8.61 -34.38 -11.21
N ASN A 57 -9.46 -33.41 -10.89
CA ASN A 57 -9.20 -32.02 -11.23
C ASN A 57 -8.86 -31.18 -10.00
N THR A 58 -8.83 -31.83 -8.84
CA THR A 58 -8.52 -31.12 -7.60
C THR A 58 -7.88 -32.02 -6.54
N LYS A 59 -6.83 -31.50 -5.91
CA LYS A 59 -6.17 -32.19 -4.80
C LYS A 59 -5.74 -31.15 -3.79
N SER A 60 -6.40 -31.12 -2.64
CA SER A 60 -6.15 -30.09 -1.63
C SER A 60 -5.30 -30.59 -0.47
N ASN A 61 -4.24 -29.84 -0.17
CA ASN A 61 -3.37 -30.14 0.96
C ASN A 61 -3.02 -28.87 1.71
N GLY A 62 -3.56 -28.75 2.92
CA GLY A 62 -3.35 -27.57 3.73
C GLY A 62 -3.93 -26.34 3.07
N ARG A 63 -3.13 -25.27 3.01
CA ARG A 63 -3.55 -24.05 2.36
C ARG A 63 -3.34 -24.13 0.85
N TYR A 64 -2.76 -25.25 0.41
CA TYR A 64 -2.54 -25.48 -1.02
C TYR A 64 -3.68 -26.24 -1.66
N THR A 65 -4.14 -25.74 -2.81
CA THR A 65 -5.11 -26.46 -3.61
C THR A 65 -4.64 -26.44 -5.07
N ALA A 66 -4.56 -27.62 -5.66
CA ALA A 66 -4.08 -27.74 -7.04
C ALA A 66 -5.16 -28.26 -7.98
N THR A 67 -5.34 -27.56 -9.10
CA THR A 67 -6.35 -27.95 -10.08
C THR A 67 -5.68 -28.47 -11.35
N LEU A 68 -6.29 -29.46 -11.99
CA LEU A 68 -5.74 -30.05 -13.20
C LEU A 68 -6.77 -30.09 -14.32
N ASP A 69 -6.39 -29.54 -15.47
CA ASP A 69 -7.23 -29.59 -16.67
C ASP A 69 -6.50 -30.35 -17.78
N ALA A 70 -6.84 -31.62 -17.95
CA ALA A 70 -6.17 -32.47 -18.92
C ALA A 70 -6.40 -32.02 -20.36
N ASP A 71 -7.55 -31.38 -20.60
CA ASP A 71 -7.89 -30.92 -21.94
C ASP A 71 -6.87 -29.90 -22.45
N THR A 72 -6.76 -28.78 -21.74
CA THR A 72 -5.84 -27.72 -22.14
C THR A 72 -4.39 -28.05 -21.80
N LYS A 73 -4.20 -29.14 -21.06
CA LYS A 73 -2.87 -29.57 -20.65
C LYS A 73 -2.17 -28.53 -19.76
N GLN A 74 -2.92 -27.96 -18.82
CA GLN A 74 -2.33 -27.03 -17.87
C GLN A 74 -2.82 -27.28 -16.45
N SER A 75 -1.99 -26.92 -15.48
CA SER A 75 -2.34 -27.05 -14.08
C SER A 75 -1.97 -25.77 -13.34
N SER A 76 -2.70 -25.47 -12.27
CA SER A 76 -2.39 -24.31 -11.45
C SER A 76 -2.39 -24.68 -9.97
N LEU A 77 -1.63 -23.94 -9.18
CA LEU A 77 -1.54 -24.21 -7.75
C LEU A 77 -1.88 -22.95 -6.96
N HIS A 78 -3.00 -22.98 -6.24
CA HIS A 78 -3.44 -21.84 -5.45
C HIS A 78 -2.85 -21.92 -4.05
N ILE A 79 -2.43 -20.79 -3.52
CA ILE A 79 -1.94 -20.72 -2.15
C ILE A 79 -2.75 -19.69 -1.37
N THR A 80 -3.43 -20.15 -0.32
CA THR A 80 -4.32 -19.29 0.45
C THR A 80 -3.66 -18.80 1.73
N ALA A 81 -3.75 -17.51 1.98
CA ALA A 81 -3.14 -16.91 3.17
C ALA A 81 -1.66 -17.26 3.26
N SER A 82 -0.88 -16.72 2.33
CA SER A 82 0.54 -16.99 2.28
C SER A 82 1.24 -16.62 3.58
N GLN A 83 2.20 -17.44 3.99
CA GLN A 83 3.06 -17.12 5.12
C GLN A 83 4.52 -17.33 4.73
N LEU A 84 5.42 -16.71 5.47
CA LEU A 84 6.85 -16.71 5.13
C LEU A 84 7.40 -18.08 4.76
N SER A 85 6.94 -19.13 5.46
CA SER A 85 7.42 -20.48 5.23
C SER A 85 7.13 -20.95 3.81
N ASP A 86 6.35 -20.16 3.07
CA ASP A 86 5.96 -20.51 1.71
C ASP A 86 7.00 -20.06 0.68
N SER A 87 7.95 -19.22 1.12
CA SER A 87 9.01 -18.77 0.23
C SER A 87 9.89 -19.95 -0.18
N ALA A 88 9.87 -20.27 -1.47
CA ALA A 88 10.60 -21.41 -2.00
C ALA A 88 10.38 -21.55 -3.50
N SER A 89 10.99 -22.58 -4.08
CA SER A 89 10.79 -22.88 -5.50
C SER A 89 9.71 -23.93 -5.66
N TYR A 90 8.69 -23.62 -6.45
CA TYR A 90 7.61 -24.56 -6.68
C TYR A 90 7.75 -25.22 -8.03
N ILE A 91 7.92 -26.54 -8.02
CA ILE A 91 8.20 -27.30 -9.24
C ILE A 91 6.98 -28.07 -9.72
N CYS A 92 6.76 -28.02 -11.03
CA CYS A 92 5.70 -28.79 -11.65
C CYS A 92 6.32 -30.05 -12.23
N VAL A 93 5.76 -31.21 -11.88
CA VAL A 93 6.28 -32.48 -12.38
C VAL A 93 5.19 -33.31 -13.07
N VAL A 94 5.50 -33.79 -14.27
CA VAL A 94 4.55 -34.53 -15.09
C VAL A 94 5.08 -35.93 -15.42
N SER A 95 4.19 -36.92 -15.40
CA SER A 95 4.56 -38.30 -15.69
C SER A 95 3.78 -38.80 -16.90
N ASP A 96 4.47 -39.51 -17.80
CA ASP A 96 3.84 -39.96 -19.04
C ASP A 96 3.14 -41.31 -18.91
N ARG A 97 3.53 -42.09 -17.91
CA ARG A 97 2.98 -43.43 -17.71
C ARG A 97 2.31 -43.57 -16.34
N THR A 100 5.58 -46.46 -10.57
CA THR A 100 6.99 -46.85 -10.53
C THR A 100 7.57 -46.95 -11.94
N LEU A 101 6.70 -46.84 -12.93
CA LEU A 101 7.12 -46.86 -14.34
C LEU A 101 6.60 -45.62 -15.05
N GLY A 102 7.37 -45.12 -16.01
CA GLY A 102 7.11 -43.82 -16.59
C GLY A 102 8.28 -42.87 -16.38
N ARG A 103 8.51 -42.02 -17.38
CA ARG A 103 9.55 -41.01 -17.29
C ARG A 103 9.00 -39.75 -16.63
N LEU A 104 9.86 -38.98 -15.98
CA LEU A 104 9.44 -37.74 -15.34
C LEU A 104 10.01 -36.49 -15.99
N TYR A 105 9.18 -35.46 -16.09
CA TYR A 105 9.60 -34.19 -16.68
C TYR A 105 9.44 -33.08 -15.65
N PHE A 106 10.54 -32.40 -15.33
CA PHE A 106 10.54 -31.35 -14.32
C PHE A 106 10.57 -29.96 -14.95
N GLY A 107 9.83 -29.03 -14.35
CA GLY A 107 9.84 -27.65 -14.81
C GLY A 107 11.01 -26.90 -14.18
N ARG A 108 11.37 -25.78 -14.79
CA ARG A 108 12.44 -24.95 -14.24
C ARG A 108 12.03 -24.41 -12.89
N GLY A 109 10.72 -24.43 -12.62
CA GLY A 109 10.20 -24.01 -11.34
C GLY A 109 9.79 -22.54 -11.29
N THR A 110 9.00 -22.21 -10.28
CA THR A 110 8.61 -20.82 -10.03
C THR A 110 9.17 -20.38 -8.68
N GLN A 111 9.85 -19.24 -8.66
CA GLN A 111 10.42 -18.73 -7.41
C GLN A 111 9.44 -17.81 -6.68
N LEU A 112 8.99 -18.26 -5.51
CA LEU A 112 8.05 -17.48 -4.73
C LEU A 112 8.67 -16.96 -3.44
N THR A 113 8.65 -15.64 -3.28
CA THR A 113 9.10 -15.00 -2.05
C THR A 113 7.95 -14.30 -1.35
N VAL A 114 7.80 -14.56 -0.06
CA VAL A 114 6.75 -13.92 0.72
C VAL A 114 7.35 -12.92 1.71
N TRP A 115 7.06 -11.65 1.50
CA TRP A 115 7.47 -10.61 2.45
C TRP A 115 6.44 -10.49 3.56
N PRO A 116 6.88 -10.00 4.73
CA PRO A 116 5.98 -9.82 5.87
C PRO A 116 5.22 -8.52 5.72
N ASP A 117 4.00 -8.48 6.24
CA ASP A 117 3.21 -7.24 6.23
C ASP A 117 3.49 -6.48 7.51
N ILE A 118 4.23 -5.38 7.39
CA ILE A 118 4.58 -4.55 8.53
C ILE A 118 3.55 -3.44 8.75
N GLN A 119 2.68 -3.64 9.74
CA GLN A 119 1.62 -2.67 10.04
C GLN A 119 2.18 -1.43 10.74
N ASN A 120 3.02 -1.66 11.75
CA ASN A 120 3.61 -0.57 12.52
C ASN A 120 5.13 -0.52 12.36
N PRO A 121 5.62 -0.02 11.21
CA PRO A 121 7.05 0.08 10.91
C PRO A 121 7.73 1.19 11.70
N ASP A 122 8.97 0.95 12.11
CA ASP A 122 9.73 1.91 12.91
C ASP A 122 11.21 1.89 12.53
N PRO A 123 11.51 2.34 11.31
CA PRO A 123 12.87 2.30 10.73
C PRO A 123 13.92 2.87 11.67
N ALA A 124 15.04 2.17 11.82
CA ALA A 124 16.12 2.62 12.68
C ALA A 124 17.46 2.01 12.26
N VAL A 125 18.53 2.76 12.48
CA VAL A 125 19.88 2.26 12.22
C VAL A 125 20.69 2.27 13.51
N TYR A 126 21.09 1.08 13.96
CA TYR A 126 21.80 0.96 15.23
C TYR A 126 23.25 0.54 15.03
N GLN A 127 24.07 0.74 16.08
CA GLN A 127 25.44 0.29 16.07
C GLN A 127 25.70 -0.67 17.22
N LEU A 128 26.11 -1.89 16.90
CA LEU A 128 26.37 -2.92 17.90
C LEU A 128 27.86 -3.15 18.05
N ARG A 129 28.35 -3.03 19.28
CA ARG A 129 29.76 -3.27 19.57
C ARG A 129 30.01 -4.76 19.80
N ASP A 130 31.24 -5.20 19.55
CA ASP A 130 31.61 -6.59 19.72
C ASP A 130 31.65 -6.96 21.21
N SER A 131 31.45 -8.23 21.50
CA SER A 131 31.42 -8.70 22.89
C SER A 131 32.80 -9.04 23.42
N LYS A 132 33.79 -9.09 22.53
CA LYS A 132 35.15 -9.45 22.92
C LYS A 132 36.18 -8.38 22.55
N SER A 133 36.46 -8.27 21.25
CA SER A 133 37.49 -7.36 20.76
C SER A 133 37.03 -5.91 20.79
N LYS A 136 35.65 -3.19 16.95
CA LYS A 136 35.08 -3.98 15.87
C LYS A 136 33.56 -3.97 15.91
N SER A 137 32.96 -2.89 15.41
CA SER A 137 31.51 -2.74 15.45
C SER A 137 30.84 -3.20 14.17
N VAL A 138 29.52 -3.04 14.11
CA VAL A 138 28.75 -3.44 12.94
C VAL A 138 27.41 -2.71 12.97
N CYS A 139 26.87 -2.40 11.80
CA CYS A 139 25.64 -1.63 11.71
C CYS A 139 24.41 -2.49 11.42
N LEU A 140 23.33 -2.22 12.14
CA LEU A 140 22.10 -2.99 11.98
C LEU A 140 20.92 -2.11 11.55
N PHE A 141 20.50 -2.27 10.31
CA PHE A 141 19.31 -1.58 9.82
C PHE A 141 18.09 -2.49 10.01
N THR A 142 17.16 -2.06 10.85
CA THR A 142 16.06 -2.93 11.24
C THR A 142 14.72 -2.21 11.36
N ASP A 143 13.64 -2.99 11.48
CA ASP A 143 12.30 -2.44 11.67
C ASP A 143 11.86 -1.53 10.53
N PHE A 144 11.87 -2.04 9.31
CA PHE A 144 11.46 -1.24 8.16
C PHE A 144 10.45 -1.95 7.26
N ASP A 145 9.58 -1.16 6.64
CA ASP A 145 8.54 -1.69 5.75
C ASP A 145 9.13 -2.56 4.66
N SER A 146 8.43 -3.64 4.32
CA SER A 146 8.87 -4.54 3.26
C SER A 146 8.89 -3.81 1.92
N GLN A 147 8.21 -2.68 1.87
CA GLN A 147 8.22 -1.83 0.67
C GLN A 147 9.65 -1.37 0.38
N THR A 148 10.37 -0.98 1.43
CA THR A 148 11.77 -0.60 1.31
C THR A 148 12.61 -1.77 0.80
N ASN A 149 13.70 -1.47 0.11
CA ASN A 149 14.56 -2.50 -0.42
C ASN A 149 16.04 -2.20 -0.23
N VAL A 150 16.78 -3.18 0.27
CA VAL A 150 18.23 -3.07 0.45
C VAL A 150 18.92 -4.27 -0.16
N SER A 151 19.87 -4.02 -1.06
CA SER A 151 20.54 -5.08 -1.78
C SER A 151 21.91 -5.40 -1.18
N GLN A 152 22.39 -6.61 -1.46
CA GLN A 152 23.73 -7.04 -1.04
C GLN A 152 24.79 -6.26 -1.78
N SER A 153 25.58 -5.49 -1.03
CA SER A 153 26.54 -4.56 -1.65
C SER A 153 27.89 -4.50 -0.94
N LYS A 154 28.86 -3.88 -1.61
CA LYS A 154 30.22 -3.72 -1.06
C LYS A 154 30.97 -2.54 -1.69
N ASP A 155 31.78 -1.86 -0.89
CA ASP A 155 32.56 -0.72 -1.37
C ASP A 155 33.33 0.02 -0.26
N SER A 156 34.41 0.70 -0.66
CA SER A 156 35.26 1.39 0.30
C SER A 156 35.54 0.44 1.44
N ASP A 157 35.51 -0.85 1.11
CA ASP A 157 35.54 -1.89 2.12
C ASP A 157 34.20 -1.93 2.85
N VAL A 158 33.09 -1.70 2.16
CA VAL A 158 31.85 -1.82 2.93
C VAL A 158 30.96 -2.97 2.49
N TYR A 159 30.47 -3.71 3.47
CA TYR A 159 29.61 -4.85 3.20
C TYR A 159 28.19 -4.64 3.71
N ILE A 160 27.22 -4.91 2.85
CA ILE A 160 25.81 -4.85 3.24
C ILE A 160 25.13 -6.20 3.00
N THR A 161 24.51 -6.73 4.05
CA THR A 161 23.82 -8.00 3.94
C THR A 161 22.47 -7.81 3.24
N ASP A 162 21.87 -8.92 2.80
CA ASP A 162 20.56 -8.89 2.17
C ASP A 162 19.50 -8.68 3.25
N LYS A 163 18.43 -7.98 2.91
CA LYS A 163 17.32 -7.83 3.84
C LYS A 163 16.85 -9.22 4.28
N CYS A 164 16.47 -9.35 5.54
CA CYS A 164 16.06 -10.65 6.06
C CYS A 164 14.98 -10.51 7.13
N VAL A 165 14.01 -11.41 7.10
CA VAL A 165 12.92 -11.37 8.07
C VAL A 165 13.10 -12.39 9.20
N LEU A 166 12.97 -11.93 10.44
CA LEU A 166 13.01 -12.81 11.59
C LEU A 166 11.69 -12.72 12.31
N ASP A 167 11.17 -13.86 12.78
CA ASP A 167 9.86 -13.89 13.42
C ASP A 167 9.93 -14.34 14.86
N MET A 168 9.47 -13.48 15.76
CA MET A 168 9.36 -13.85 17.17
C MET A 168 7.97 -14.41 17.44
N ARG A 169 7.86 -15.74 17.39
CA ARG A 169 6.58 -16.43 17.57
C ARG A 169 5.91 -16.04 18.88
N SER A 170 6.68 -16.00 19.95
CA SER A 170 6.16 -15.66 21.27
C SER A 170 5.31 -14.40 21.26
N MET A 171 5.83 -13.35 20.64
CA MET A 171 5.17 -12.05 20.65
C MET A 171 4.33 -11.77 19.39
N ASP A 172 4.28 -12.74 18.50
CA ASP A 172 3.58 -12.56 17.23
C ASP A 172 4.08 -11.30 16.56
N PHE A 173 5.39 -11.11 16.58
CA PHE A 173 6.02 -9.90 16.07
C PHE A 173 7.10 -10.25 15.05
N LYS A 174 7.02 -9.61 13.88
CA LYS A 174 7.98 -9.87 12.82
C LYS A 174 8.68 -8.58 12.39
N SER A 175 9.97 -8.67 12.12
CA SER A 175 10.76 -7.50 11.78
C SER A 175 11.78 -7.79 10.67
N ASN A 176 12.07 -6.75 9.89
CA ASN A 176 13.14 -6.82 8.88
C ASN A 176 14.46 -6.35 9.45
N SER A 177 15.55 -6.71 8.80
CA SER A 177 16.88 -6.29 9.23
C SER A 177 17.91 -6.47 8.14
N ALA A 178 18.94 -5.62 8.16
CA ALA A 178 20.05 -5.71 7.24
C ALA A 178 21.33 -5.30 7.97
N VAL A 179 22.40 -6.04 7.73
CA VAL A 179 23.65 -5.81 8.46
C VAL A 179 24.74 -5.25 7.55
N ALA A 180 25.42 -4.21 8.04
CA ALA A 180 26.53 -3.62 7.30
C ALA A 180 27.77 -3.49 8.18
N TRP A 181 28.90 -3.94 7.67
CA TRP A 181 30.16 -3.80 8.41
C TRP A 181 31.30 -3.42 7.47
N SER A 182 32.39 -2.94 8.06
CA SER A 182 33.54 -2.47 7.29
C SER A 182 34.82 -2.55 8.11
N ASN A 183 35.90 -2.99 7.47
CA ASN A 183 37.19 -3.13 8.14
C ASN A 183 37.96 -1.82 8.18
N LYS A 184 37.42 -0.82 7.49
CA LYS A 184 38.09 0.48 7.37
C LYS A 184 37.62 1.45 8.44
N SER A 185 38.57 2.19 9.01
CA SER A 185 38.20 3.34 9.85
C SER A 185 37.53 2.86 11.14
N ASP A 186 36.74 3.70 11.83
CA ASP A 186 36.36 5.08 11.47
C ASP A 186 35.12 5.13 10.57
N PHE A 187 34.92 4.08 9.79
CA PHE A 187 33.63 3.77 9.18
C PHE A 187 32.47 4.30 10.02
N ALA A 188 31.51 4.92 9.36
CA ALA A 188 30.37 5.53 10.06
C ALA A 188 29.04 4.92 9.62
N CYS A 189 28.11 4.81 10.55
CA CYS A 189 26.79 4.22 10.26
C CYS A 189 25.96 5.07 9.30
N ALA A 190 26.10 6.39 9.40
CA ALA A 190 25.36 7.31 8.56
C ALA A 190 25.62 7.04 7.08
N ASN A 191 26.80 6.50 6.79
CA ASN A 191 27.24 6.16 5.44
C ASN A 191 26.74 4.78 4.96
N ALA A 192 27.38 3.72 5.45
CA ALA A 192 27.02 2.35 5.07
C ALA A 192 25.63 2.26 4.45
N PHE A 193 24.66 2.95 5.05
CA PHE A 193 23.30 2.96 4.55
C PHE A 193 22.93 4.32 3.99
N ASN A 194 23.72 4.77 3.01
CA ASN A 194 23.48 6.10 2.45
C ASN A 194 22.15 6.46 1.83
N ASN A 195 21.63 7.53 2.46
CA ASN A 195 20.25 8.02 2.40
C ASN A 195 19.27 6.87 2.57
N SER A 196 19.12 6.10 1.49
CA SER A 196 18.37 4.86 1.53
C SER A 196 16.91 5.06 1.97
N ILE A 197 16.71 5.45 3.23
CA ILE A 197 15.37 5.44 3.82
C ILE A 197 14.99 6.71 4.58
N ILE A 198 13.68 6.91 4.76
CA ILE A 198 13.11 8.08 5.43
C ILE A 198 13.48 8.15 6.91
N PRO A 199 12.70 8.89 7.71
CA PRO A 199 13.03 9.09 9.13
C PRO A 199 13.31 7.79 9.89
N GLU A 200 14.37 7.81 10.68
CA GLU A 200 14.77 6.66 11.48
C GLU A 200 15.79 7.08 12.54
N ASP A 201 15.90 6.29 13.61
CA ASP A 201 16.88 6.58 14.65
C ASP A 201 18.30 6.31 14.17
N THR A 202 18.97 7.35 13.67
CA THR A 202 20.37 7.23 13.27
C THR A 202 21.28 7.74 14.37
N PHE A 203 20.69 8.19 15.47
CA PHE A 203 21.45 8.68 16.62
C PHE A 203 21.24 7.77 17.83
N ALA B 4 12.63 -36.88 4.65
CA ALA B 4 11.80 -37.81 5.42
C ALA B 4 12.57 -39.09 5.74
N ASP B 5 12.11 -40.20 5.18
CA ASP B 5 12.69 -41.51 5.48
C ASP B 5 13.87 -41.88 4.57
N ILE B 6 14.36 -40.90 3.80
CA ILE B 6 15.49 -41.13 2.91
C ILE B 6 16.72 -40.35 3.34
N TYR B 7 17.90 -40.94 3.16
CA TYR B 7 19.13 -40.39 3.72
C TYR B 7 20.25 -40.13 2.71
N GLN B 8 21.10 -39.14 3.03
CA GLN B 8 22.27 -38.82 2.22
C GLN B 8 23.42 -38.32 3.10
N THR B 9 24.64 -38.70 2.74
CA THR B 9 25.84 -38.22 3.42
C THR B 9 27.06 -38.36 2.52
N PRO B 10 27.96 -37.35 2.54
CA PRO B 10 27.83 -36.16 3.37
C PRO B 10 27.04 -35.07 2.66
N ARG B 11 26.49 -34.12 3.41
CA ARG B 11 25.76 -33.00 2.81
C ARG B 11 26.73 -32.01 2.17
N TYR B 12 27.95 -31.98 2.69
CA TYR B 12 28.98 -31.10 2.14
C TYR B 12 30.27 -31.87 1.89
N LEU B 13 30.85 -31.67 0.71
CA LEU B 13 32.14 -32.28 0.38
C LEU B 13 32.95 -31.40 -0.56
N VAL B 14 34.20 -31.14 -0.17
CA VAL B 14 35.14 -30.43 -1.01
C VAL B 14 36.39 -31.29 -1.17
N ILE B 15 36.72 -31.64 -2.41
CA ILE B 15 37.77 -32.61 -2.67
C ILE B 15 38.59 -32.25 -3.91
N GLY B 16 39.86 -32.65 -3.91
CA GLY B 16 40.74 -32.36 -5.01
C GLY B 16 40.49 -33.23 -6.22
N THR B 17 40.95 -32.78 -7.38
CA THR B 17 40.76 -33.51 -8.63
C THR B 17 41.45 -34.88 -8.58
N GLY B 18 40.83 -35.87 -9.22
CA GLY B 18 41.42 -37.19 -9.33
C GLY B 18 41.09 -38.12 -8.19
N LYS B 19 40.62 -37.57 -7.08
CA LYS B 19 40.27 -38.37 -5.91
C LYS B 19 38.97 -39.14 -6.17
N LYS B 20 38.87 -40.34 -5.60
CA LYS B 20 37.67 -41.14 -5.77
C LYS B 20 36.59 -40.77 -4.75
N ILE B 21 35.39 -40.48 -5.25
CA ILE B 21 34.28 -40.09 -4.39
C ILE B 21 33.13 -41.08 -4.48
N THR B 22 32.39 -41.22 -3.39
CA THR B 22 31.15 -41.98 -3.41
C THR B 22 30.11 -41.29 -2.53
N LEU B 23 28.93 -41.09 -3.08
CA LEU B 23 27.85 -40.46 -2.33
C LEU B 23 26.86 -41.51 -1.84
N GLU B 24 26.77 -41.66 -0.51
CA GLU B 24 25.91 -42.67 0.09
C GLU B 24 24.44 -42.24 0.06
N CYS B 25 23.55 -43.20 -0.18
CA CYS B 25 22.12 -42.95 -0.18
C CYS B 25 21.39 -44.18 0.34
N SER B 26 20.49 -43.98 1.30
CA SER B 26 19.77 -45.08 1.92
C SER B 26 18.32 -44.73 2.22
N GLN B 27 17.42 -45.69 1.97
CA GLN B 27 16.00 -45.51 2.22
C GLN B 27 15.50 -46.52 3.25
N THR B 28 14.69 -46.06 4.20
CA THR B 28 14.09 -46.95 5.19
C THR B 28 12.78 -47.52 4.63
N MET B 29 12.26 -46.87 3.59
CA MET B 29 11.07 -47.37 2.91
C MET B 29 11.47 -48.45 1.92
N GLY B 30 10.52 -49.31 1.56
CA GLY B 30 10.82 -50.44 0.69
C GLY B 30 10.74 -50.11 -0.79
N HIS B 31 10.91 -48.84 -1.14
CA HIS B 31 10.79 -48.41 -2.52
C HIS B 31 11.72 -49.15 -3.47
N ASP B 32 11.17 -49.64 -4.57
CA ASP B 32 11.93 -50.40 -5.55
C ASP B 32 12.65 -49.48 -6.54
N LYS B 33 11.97 -48.44 -6.99
CA LYS B 33 12.54 -47.50 -7.95
C LYS B 33 13.26 -46.35 -7.25
N MET B 34 14.49 -46.09 -7.69
CA MET B 34 15.29 -44.99 -7.16
C MET B 34 15.95 -44.18 -8.27
N TYR B 35 16.11 -42.88 -8.03
CA TYR B 35 16.72 -42.00 -9.01
C TYR B 35 17.89 -41.25 -8.40
N TRP B 36 18.86 -40.89 -9.23
CA TRP B 36 19.93 -39.97 -8.85
C TRP B 36 19.85 -38.74 -9.74
N TYR B 37 19.72 -37.58 -9.11
CA TYR B 37 19.64 -36.34 -9.86
C TYR B 37 20.85 -35.44 -9.64
N GLN B 38 21.19 -34.66 -10.65
CA GLN B 38 22.21 -33.64 -10.54
C GLN B 38 21.55 -32.29 -10.77
N GLN B 39 21.70 -31.37 -9.83
CA GLN B 39 21.05 -30.07 -9.92
C GLN B 39 22.02 -28.91 -9.81
N ASP B 40 22.40 -28.34 -10.95
CA ASP B 40 23.27 -27.17 -10.98
C ASP B 40 22.48 -25.99 -10.42
N PRO B 41 23.16 -25.07 -9.71
CA PRO B 41 22.50 -23.92 -9.09
C PRO B 41 21.68 -23.15 -10.11
N GLY B 42 20.39 -22.98 -9.83
CA GLY B 42 19.52 -22.21 -10.71
C GLY B 42 18.96 -23.04 -11.85
N MET B 43 19.65 -24.13 -12.16
CA MET B 43 19.21 -25.04 -13.22
C MET B 43 18.14 -25.99 -12.71
N GLU B 44 17.63 -26.84 -13.60
CA GLU B 44 16.61 -27.81 -13.23
C GLU B 44 17.23 -29.15 -12.87
N LEU B 45 16.39 -30.09 -12.44
CA LEU B 45 16.86 -31.41 -12.05
C LEU B 45 17.27 -32.25 -13.26
N HIS B 46 18.52 -32.69 -13.26
CA HIS B 46 19.04 -33.54 -14.33
C HIS B 46 19.07 -34.99 -13.86
N LEU B 47 18.54 -35.89 -14.67
CA LEU B 47 18.48 -37.31 -14.30
C LEU B 47 19.74 -38.04 -14.76
N ILE B 48 20.54 -38.51 -13.81
CA ILE B 48 21.81 -39.16 -14.13
C ILE B 48 21.75 -40.68 -14.02
N HIS B 49 21.05 -41.18 -13.02
CA HIS B 49 20.91 -42.63 -12.83
C HIS B 49 19.56 -43.00 -12.22
N TYR B 50 19.09 -44.20 -12.54
CA TYR B 50 17.84 -44.69 -11.97
C TYR B 50 17.89 -46.21 -11.84
N SER B 51 17.08 -46.75 -10.92
CA SER B 51 17.07 -48.18 -10.67
C SER B 51 15.66 -48.70 -10.38
N TYR B 52 15.28 -49.78 -11.07
CA TYR B 52 13.97 -50.40 -10.85
C TYR B 52 13.98 -51.29 -9.62
N GLY B 53 15.18 -51.73 -9.22
CA GLY B 53 15.33 -52.60 -8.08
C GLY B 53 16.74 -53.17 -7.97
N VAL B 54 16.97 -54.01 -6.97
CA VAL B 54 18.27 -54.63 -6.75
C VAL B 54 18.87 -55.16 -8.05
N SER B 56 19.53 -53.58 -10.56
CA SER B 56 19.14 -52.72 -11.68
C SER B 56 19.83 -51.36 -11.61
N THR B 57 20.73 -51.12 -12.56
CA THR B 57 21.42 -49.83 -12.65
C THR B 57 21.42 -49.34 -14.09
N GLU B 58 20.79 -48.20 -14.33
CA GLU B 58 20.70 -47.65 -15.67
C GLU B 58 21.09 -46.17 -15.71
N LYS B 59 21.81 -45.78 -16.76
CA LYS B 59 22.21 -44.39 -16.93
C LYS B 59 21.06 -43.55 -17.50
N GLY B 60 20.88 -42.35 -16.94
CA GLY B 60 19.81 -41.46 -17.38
C GLY B 60 20.25 -40.48 -18.44
N ASP B 61 19.34 -39.60 -18.83
CA ASP B 61 19.60 -38.59 -19.86
C ASP B 61 21.05 -38.12 -19.85
N SER B 63 24.85 -38.32 -19.96
CA SER B 63 25.93 -39.28 -19.71
C SER B 63 27.02 -38.68 -18.84
N SER B 64 27.14 -39.20 -17.62
CA SER B 64 28.16 -38.73 -16.69
C SER B 64 29.24 -39.78 -16.50
N GLU B 65 30.37 -39.38 -15.91
CA GLU B 65 31.44 -40.31 -15.61
C GLU B 65 31.10 -41.11 -14.36
N SER B 66 29.97 -40.78 -13.76
CA SER B 66 29.54 -41.43 -12.52
C SER B 66 29.03 -42.85 -12.74
N THR B 67 29.04 -43.64 -11.67
CA THR B 67 28.52 -45.00 -11.72
C THR B 67 27.65 -45.27 -10.50
N VAL B 68 26.63 -46.09 -10.67
CA VAL B 68 25.71 -46.41 -9.59
C VAL B 68 25.60 -47.92 -9.39
N SER B 69 25.87 -48.36 -8.16
CA SER B 69 25.79 -49.78 -7.83
C SER B 69 24.61 -50.05 -6.88
N ARG B 70 23.79 -51.02 -7.22
CA ARG B 70 22.69 -51.43 -6.35
C ARG B 70 22.73 -52.92 -6.08
N ILE B 71 23.43 -53.30 -5.01
CA ILE B 71 23.51 -54.70 -4.59
C ILE B 71 22.47 -54.95 -3.51
N ARG B 72 21.74 -53.91 -3.14
CA ARG B 72 20.77 -53.99 -2.06
C ARG B 72 19.64 -52.97 -2.25
N THR B 73 18.47 -53.30 -1.72
CA THR B 73 17.30 -52.43 -1.84
C THR B 73 17.53 -51.05 -1.21
N GLU B 74 17.92 -51.05 0.07
CA GLU B 74 17.98 -49.82 0.85
C GLU B 74 19.21 -48.95 0.56
N HIS B 75 20.14 -49.45 -0.25
CA HIS B 75 21.34 -48.70 -0.56
C HIS B 75 21.49 -48.41 -2.06
N PHE B 76 21.87 -47.18 -2.39
CA PHE B 76 21.99 -46.75 -3.77
C PHE B 76 23.17 -45.81 -3.93
N PRO B 77 24.38 -46.28 -3.60
CA PRO B 77 25.62 -45.49 -3.59
C PRO B 77 26.05 -45.04 -4.99
N LEU B 78 26.37 -43.75 -5.11
CA LEU B 78 26.84 -43.18 -6.37
C LEU B 78 28.34 -42.93 -6.28
N THR B 79 29.10 -43.37 -7.28
CA THR B 79 30.55 -43.30 -7.23
C THR B 79 31.18 -42.62 -8.44
N LEU B 80 32.26 -41.90 -8.20
CA LEU B 80 33.04 -41.27 -9.26
C LEU B 80 34.49 -41.73 -9.19
N GLU B 81 34.93 -42.47 -10.20
CA GLU B 81 36.28 -43.02 -10.23
C GLU B 81 37.34 -41.92 -10.13
N SER B 82 37.18 -40.87 -10.93
CA SER B 82 38.11 -39.76 -10.92
C SER B 82 37.38 -38.42 -10.93
N ALA B 83 37.55 -37.65 -9.84
CA ALA B 83 36.85 -36.38 -9.69
C ALA B 83 37.32 -35.34 -10.69
N ARG B 84 36.47 -34.35 -10.96
CA ARG B 84 36.77 -33.30 -11.92
C ARG B 84 35.80 -32.13 -11.76
N PRO B 85 36.34 -30.89 -11.79
CA PRO B 85 35.58 -29.67 -11.55
C PRO B 85 34.20 -29.65 -12.22
N SER B 86 34.09 -30.28 -13.38
CA SER B 86 32.82 -30.33 -14.09
C SER B 86 31.75 -31.03 -13.26
N HIS B 87 32.19 -31.86 -12.32
CA HIS B 87 31.27 -32.63 -11.49
C HIS B 87 30.68 -31.79 -10.36
N THR B 88 31.28 -30.62 -10.13
CA THR B 88 30.78 -29.70 -9.10
C THR B 88 29.30 -29.42 -9.32
N SER B 89 28.49 -29.71 -8.30
CA SER B 89 27.05 -29.51 -8.37
C SER B 89 26.39 -30.12 -7.16
N GLN B 90 25.06 -30.02 -7.09
CA GLN B 90 24.32 -30.67 -6.01
C GLN B 90 23.75 -31.99 -6.51
N TYR B 91 23.91 -33.04 -5.71
CA TYR B 91 23.44 -34.36 -6.10
C TYR B 91 22.30 -34.81 -5.19
N LEU B 92 21.14 -35.03 -5.77
CA LEU B 92 19.96 -35.45 -5.02
C LEU B 92 19.62 -36.92 -5.28
N CYS B 93 19.16 -37.60 -4.25
CA CYS B 93 18.74 -38.99 -4.38
C CYS B 93 17.25 -39.11 -4.08
N ALA B 94 16.53 -39.86 -4.92
CA ALA B 94 15.09 -39.97 -4.77
C ALA B 94 14.61 -41.39 -4.97
N SER B 95 13.49 -41.72 -4.33
CA SER B 95 12.85 -43.01 -4.49
C SER B 95 11.34 -42.82 -4.60
N SER B 96 10.70 -43.57 -5.50
CA SER B 96 9.25 -43.48 -5.69
C SER B 96 8.54 -44.75 -5.24
N GLU B 97 7.23 -44.66 -5.06
CA GLU B 97 6.44 -45.71 -4.39
C GLU B 97 5.56 -46.69 -5.17
N GLU B 98 4.44 -47.04 -4.53
CA GLU B 98 3.54 -48.07 -5.02
C GLU B 98 2.63 -48.58 -3.89
N GLY B 106 3.26 -44.02 -7.29
CA GLY B 106 3.71 -43.44 -6.04
C GLY B 106 4.47 -42.15 -6.24
N THR B 107 4.25 -41.18 -5.35
CA THR B 107 4.94 -39.90 -5.42
C THR B 107 6.43 -40.10 -5.17
N GLN B 108 7.22 -39.07 -5.46
CA GLN B 108 8.66 -39.13 -5.25
C GLN B 108 9.06 -38.60 -3.88
N TYR B 109 10.13 -39.16 -3.33
CA TYR B 109 10.70 -38.69 -2.08
C TYR B 109 12.19 -38.41 -2.25
N PHE B 110 12.59 -37.18 -1.93
CA PHE B 110 13.96 -36.75 -2.15
C PHE B 110 14.75 -36.65 -0.86
N GLY B 111 16.08 -36.71 -0.99
CA GLY B 111 16.96 -36.59 0.16
C GLY B 111 17.39 -35.16 0.39
N PRO B 112 18.20 -34.94 1.45
CA PRO B 112 18.70 -33.62 1.82
C PRO B 112 19.63 -33.05 0.76
N GLY B 113 20.12 -33.90 -0.13
CA GLY B 113 21.03 -33.47 -1.17
C GLY B 113 22.47 -33.40 -0.70
N THR B 114 23.39 -33.36 -1.66
CA THR B 114 24.81 -33.26 -1.36
C THR B 114 25.50 -32.31 -2.34
N ARG B 115 26.02 -31.21 -1.81
CA ARG B 115 26.74 -30.24 -2.63
C ARG B 115 28.23 -30.50 -2.57
N LEU B 116 28.79 -31.07 -3.64
CA LEU B 116 30.23 -31.27 -3.70
C LEU B 116 30.93 -30.17 -4.50
N LEU B 117 32.12 -29.81 -4.06
CA LEU B 117 32.94 -28.82 -4.75
C LEU B 117 34.27 -29.46 -5.10
N VAL B 118 34.57 -29.54 -6.39
CA VAL B 118 35.83 -30.13 -6.83
C VAL B 118 36.81 -29.04 -7.26
N LEU B 119 38.04 -29.14 -6.78
CA LEU B 119 39.04 -28.12 -7.04
C LEU B 119 40.31 -28.76 -7.59
N GLU B 120 41.14 -27.95 -8.25
CA GLU B 120 42.44 -28.40 -8.72
C GLU B 120 43.38 -28.50 -7.52
N ASP B 121 43.28 -27.52 -6.63
CA ASP B 121 44.04 -27.51 -5.40
C ASP B 121 43.12 -27.20 -4.21
N LEU B 122 43.57 -27.55 -3.01
CA LEU B 122 42.80 -27.29 -1.80
C LEU B 122 43.44 -26.16 -1.01
N LYS B 123 44.44 -25.51 -1.61
CA LYS B 123 45.20 -24.47 -0.93
C LYS B 123 44.37 -23.24 -0.59
N ASN B 124 43.15 -23.17 -1.13
CA ASN B 124 42.30 -21.99 -0.93
C ASN B 124 41.18 -22.17 0.09
N VAL B 125 41.23 -23.28 0.84
CA VAL B 125 40.20 -23.55 1.84
C VAL B 125 40.49 -22.86 3.16
N PHE B 126 39.50 -22.13 3.66
CA PHE B 126 39.65 -21.37 4.91
C PHE B 126 38.49 -21.61 5.86
N PRO B 127 38.80 -21.90 7.12
CA PRO B 127 37.74 -21.97 8.13
C PRO B 127 37.22 -20.58 8.41
N PRO B 128 35.98 -20.47 8.93
CA PRO B 128 35.40 -19.16 9.21
C PRO B 128 35.88 -18.58 10.53
N GLU B 129 35.89 -17.26 10.64
CA GLU B 129 36.12 -16.59 11.90
C GLU B 129 34.79 -16.03 12.34
N VAL B 130 34.44 -16.18 13.61
CA VAL B 130 33.12 -15.79 14.09
C VAL B 130 33.16 -14.71 15.17
N ALA B 131 32.13 -13.89 15.20
CA ALA B 131 32.00 -12.86 16.22
C ALA B 131 30.53 -12.61 16.53
N VAL B 132 30.22 -12.36 17.80
CA VAL B 132 28.87 -11.99 18.19
C VAL B 132 28.84 -10.51 18.56
N PHE B 133 27.76 -9.84 18.20
CA PHE B 133 27.64 -8.41 18.47
C PHE B 133 26.45 -8.12 19.36
N GLU B 134 26.74 -7.52 20.52
CA GLU B 134 25.70 -7.26 21.52
C GLU B 134 24.74 -6.15 21.07
N PRO B 135 23.49 -6.22 21.54
CA PRO B 135 22.41 -5.29 21.19
C PRO B 135 22.75 -3.84 21.52
N SER B 136 22.17 -2.92 20.76
CA SER B 136 22.37 -1.50 21.00
C SER B 136 21.49 -1.02 22.14
N GLU B 137 22.08 -0.33 23.10
CA GLU B 137 21.32 0.21 24.22
C GLU B 137 20.18 1.08 23.73
N ALA B 138 20.38 1.69 22.56
CA ALA B 138 19.37 2.54 21.95
C ALA B 138 18.18 1.71 21.50
N GLU B 139 18.46 0.62 20.78
CA GLU B 139 17.42 -0.27 20.30
C GLU B 139 16.50 -0.71 21.44
N ILE B 140 17.10 -1.23 22.51
CA ILE B 140 16.34 -1.70 23.66
C ILE B 140 15.33 -0.67 24.15
N SER B 141 15.82 0.50 24.53
CA SER B 141 14.97 1.53 25.11
C SER B 141 13.86 1.98 24.15
N HIS B 142 14.07 1.79 22.85
CA HIS B 142 13.09 2.23 21.86
C HIS B 142 12.05 1.15 21.55
N THR B 143 12.53 -0.02 21.12
CA THR B 143 11.63 -1.09 20.70
C THR B 143 11.34 -2.08 21.82
N GLN B 144 12.08 -1.95 22.92
CA GLN B 144 11.90 -2.85 24.06
C GLN B 144 12.30 -4.27 23.70
N LYS B 145 13.05 -4.39 22.60
CA LYS B 145 13.58 -5.68 22.16
C LYS B 145 15.06 -5.53 21.83
N ALA B 146 15.78 -6.65 21.77
CA ALA B 146 17.22 -6.62 21.56
C ALA B 146 17.69 -7.65 20.53
N THR B 147 18.47 -7.19 19.56
CA THR B 147 18.97 -8.06 18.50
C THR B 147 20.47 -8.32 18.63
N LEU B 148 20.82 -9.59 18.81
CA LEU B 148 22.22 -10.01 18.73
C LEU B 148 22.54 -10.26 17.27
N VAL B 149 23.79 -10.01 16.87
CA VAL B 149 24.21 -10.25 15.49
C VAL B 149 25.41 -11.17 15.46
N CYS B 150 25.35 -12.19 14.61
CA CYS B 150 26.48 -13.10 14.43
C CYS B 150 27.13 -12.87 13.08
N LEU B 151 28.44 -12.68 13.08
CA LEU B 151 29.19 -12.45 11.85
C LEU B 151 30.25 -13.52 11.66
N ALA B 152 30.19 -14.22 10.53
CA ALA B 152 31.16 -15.27 10.22
C ALA B 152 31.86 -14.92 8.91
N THR B 153 33.17 -14.71 8.97
CA THR B 153 33.91 -14.17 7.82
C THR B 153 35.15 -14.95 7.43
N GLY B 154 35.56 -14.79 6.18
CA GLY B 154 36.81 -15.36 5.68
C GLY B 154 36.84 -16.87 5.57
N PHE B 155 35.73 -17.47 5.16
CA PHE B 155 35.67 -18.92 5.01
C PHE B 155 35.46 -19.34 3.56
N TYR B 156 36.08 -20.46 3.18
CA TYR B 156 35.94 -21.02 1.85
C TYR B 156 36.22 -22.52 1.87
N PRO B 157 35.39 -23.29 1.16
CA PRO B 157 34.25 -22.78 0.37
C PRO B 157 33.10 -22.33 1.25
N ASP B 158 31.91 -22.22 0.67
CA ASP B 158 30.74 -21.73 1.40
C ASP B 158 29.90 -22.86 1.99
N HIS B 159 30.54 -23.98 2.30
CA HIS B 159 29.86 -25.06 3.00
C HIS B 159 29.86 -24.74 4.49
N VAL B 160 28.71 -24.34 5.01
CA VAL B 160 28.64 -23.82 6.36
C VAL B 160 27.23 -23.93 6.95
N GLU B 161 27.15 -24.14 8.27
CA GLU B 161 25.87 -24.22 8.95
C GLU B 161 25.88 -23.39 10.24
N LEU B 162 25.31 -22.19 10.17
CA LEU B 162 25.23 -21.30 11.31
C LEU B 162 24.00 -21.62 12.17
N SER B 163 24.16 -21.55 13.49
CA SER B 163 23.06 -21.86 14.39
C SER B 163 23.21 -21.14 15.73
N TRP B 164 22.08 -20.68 16.28
CA TRP B 164 22.08 -19.99 17.56
C TRP B 164 21.78 -20.94 18.72
N TRP B 165 22.35 -20.65 19.89
CA TRP B 165 22.15 -21.47 21.07
C TRP B 165 21.97 -20.62 22.31
N VAL B 166 20.78 -20.70 22.91
CA VAL B 166 20.46 -19.93 24.10
C VAL B 166 20.39 -20.81 25.35
N ASN B 167 21.30 -20.58 26.30
CA ASN B 167 21.36 -21.39 27.51
C ASN B 167 21.42 -22.88 27.19
N GLY B 168 22.12 -23.23 26.12
CA GLY B 168 22.36 -24.63 25.78
C GLY B 168 21.38 -25.21 24.78
N LYS B 169 20.23 -24.55 24.63
CA LYS B 169 19.21 -25.04 23.72
C LYS B 169 19.18 -24.26 22.40
N GLU B 170 19.30 -24.99 21.29
CA GLU B 170 19.22 -24.38 19.97
C GLU B 170 17.87 -23.70 19.77
N VAL B 171 17.90 -22.49 19.24
CA VAL B 171 16.67 -21.72 19.06
C VAL B 171 16.41 -21.45 17.59
N HIS B 172 15.15 -21.17 17.26
CA HIS B 172 14.75 -20.90 15.89
C HIS B 172 13.89 -19.64 15.82
N SER B 173 13.03 -19.46 16.82
CA SER B 173 12.28 -18.22 16.95
C SER B 173 13.21 -17.04 17.18
N GLY B 174 13.02 -15.98 16.41
CA GLY B 174 13.83 -14.78 16.56
C GLY B 174 15.09 -14.80 15.73
N VAL B 175 15.32 -15.89 15.01
CA VAL B 175 16.52 -16.04 14.20
C VAL B 175 16.27 -15.77 12.72
N CYS B 176 17.18 -15.03 12.11
CA CYS B 176 17.14 -14.74 10.69
C CYS B 176 18.55 -14.77 10.13
N THR B 177 18.79 -15.68 9.19
CA THR B 177 20.13 -15.84 8.62
C THR B 177 20.15 -15.52 7.13
N ASP B 178 21.27 -14.96 6.67
CA ASP B 178 21.43 -14.60 5.27
C ASP B 178 21.06 -15.76 4.35
N PRO B 179 20.30 -15.46 3.29
CA PRO B 179 19.92 -16.47 2.28
C PRO B 179 21.15 -17.18 1.74
N GLN B 180 22.14 -16.41 1.28
CA GLN B 180 23.37 -16.98 0.77
C GLN B 180 24.57 -16.13 1.18
N PRO B 181 25.71 -16.79 1.42
CA PRO B 181 26.95 -16.08 1.77
C PRO B 181 27.27 -15.05 0.70
N LEU B 182 28.00 -14.00 1.07
CA LEU B 182 28.42 -12.99 0.10
C LEU B 182 29.93 -12.91 -0.01
N LYS B 183 30.44 -12.93 -1.24
CA LYS B 183 31.88 -12.94 -1.50
C LYS B 183 32.58 -11.72 -0.90
N GLU B 184 33.71 -11.97 -0.24
CA GLU B 184 34.51 -10.88 0.32
C GLU B 184 35.24 -10.11 -0.78
N GLN B 185 35.81 -10.84 -1.73
CA GLN B 185 36.46 -10.23 -2.89
C GLN B 185 35.83 -10.77 -4.17
N PRO B 186 34.66 -10.23 -4.54
CA PRO B 186 33.80 -10.76 -5.62
C PRO B 186 34.42 -10.67 -7.01
N ALA B 187 35.65 -10.18 -7.11
CA ALA B 187 36.30 -10.07 -8.41
C ALA B 187 37.07 -11.33 -8.79
N LEU B 188 37.20 -12.26 -7.84
CA LEU B 188 37.90 -13.51 -8.09
C LEU B 188 37.01 -14.73 -7.86
N ASN B 189 37.10 -15.70 -8.77
CA ASN B 189 36.31 -16.91 -8.69
C ASN B 189 36.49 -17.63 -7.35
N ASP B 190 37.74 -17.80 -6.94
CA ASP B 190 38.02 -18.37 -5.61
C ASP B 190 38.12 -17.24 -4.58
N SER B 191 37.00 -16.93 -3.95
CA SER B 191 36.94 -15.87 -2.96
C SER B 191 36.38 -16.40 -1.66
N ARG B 192 36.84 -15.84 -0.55
CA ARG B 192 36.29 -16.19 0.76
C ARG B 192 34.95 -15.48 0.98
N TYR B 193 34.09 -16.09 1.80
CA TYR B 193 32.75 -15.58 2.00
C TYR B 193 32.56 -15.00 3.39
N ALA B 194 31.53 -14.16 3.53
CA ALA B 194 31.08 -13.69 4.83
C ALA B 194 29.61 -14.08 4.98
N LEU B 195 29.17 -14.27 6.22
CA LEU B 195 27.78 -14.65 6.48
C LEU B 195 27.26 -13.97 7.74
N SER B 196 26.04 -13.44 7.66
CA SER B 196 25.42 -12.76 8.79
C SER B 196 24.25 -13.56 9.35
N SER B 197 23.91 -13.28 10.59
CA SER B 197 22.76 -13.91 11.23
C SER B 197 22.30 -13.06 12.40
N ARG B 198 20.98 -13.00 12.59
CA ARG B 198 20.40 -12.17 13.65
C ARG B 198 19.56 -12.98 14.61
N LEU B 199 19.51 -12.53 15.85
CA LEU B 199 18.66 -13.14 16.86
C LEU B 199 18.05 -12.05 17.72
N ARG B 200 16.72 -11.94 17.66
CA ARG B 200 16.01 -10.94 18.46
C ARG B 200 15.35 -11.59 19.67
N VAL B 201 15.46 -10.93 20.82
CA VAL B 201 14.88 -11.42 22.06
C VAL B 201 14.35 -10.25 22.87
N SER B 202 13.37 -10.51 23.73
CA SER B 202 12.81 -9.47 24.57
C SER B 202 13.93 -8.79 25.36
N ALA B 203 13.82 -7.48 25.53
CA ALA B 203 14.81 -6.72 26.29
C ALA B 203 14.96 -7.29 27.68
N THR B 204 13.87 -7.87 28.20
CA THR B 204 13.86 -8.46 29.53
C THR B 204 14.80 -9.67 29.60
N PHE B 205 14.67 -10.57 28.62
CA PHE B 205 15.52 -11.76 28.57
C PHE B 205 16.99 -11.40 28.45
N TRP B 206 17.32 -10.48 27.56
CA TRP B 206 18.71 -10.09 27.34
C TRP B 206 19.33 -9.39 28.53
N GLN B 207 18.49 -8.77 29.37
CA GLN B 207 18.99 -8.02 30.53
C GLN B 207 19.25 -8.91 31.73
N ASN B 208 19.05 -10.21 31.56
CA ASN B 208 19.41 -11.19 32.59
C ASN B 208 20.81 -11.73 32.35
N PRO B 209 21.77 -11.28 33.16
CA PRO B 209 23.20 -11.56 32.96
C PRO B 209 23.52 -13.05 33.01
N ARG B 210 22.58 -13.85 33.51
CA ARG B 210 22.78 -15.29 33.60
C ARG B 210 22.24 -16.01 32.36
N ASN B 211 21.72 -15.23 31.41
CA ASN B 211 21.32 -15.78 30.12
C ASN B 211 22.48 -15.83 29.15
N HIS B 212 22.78 -17.01 28.63
CA HIS B 212 23.95 -17.22 27.80
C HIS B 212 23.58 -17.38 26.33
N PHE B 213 24.27 -16.63 25.46
CA PHE B 213 24.02 -16.70 24.03
C PHE B 213 25.28 -17.14 23.30
N ARG B 214 25.12 -18.11 22.40
CA ARG B 214 26.23 -18.60 21.59
C ARG B 214 25.77 -18.93 20.18
N CYS B 215 26.43 -18.35 19.19
CA CYS B 215 26.18 -18.68 17.80
C CYS B 215 27.38 -19.44 17.26
N GLN B 216 27.12 -20.59 16.64
CA GLN B 216 28.21 -21.43 16.14
C GLN B 216 28.09 -21.69 14.65
N VAL B 217 29.23 -21.84 13.99
CA VAL B 217 29.28 -22.17 12.58
C VAL B 217 29.93 -23.53 12.37
N GLN B 218 29.22 -24.43 11.71
CA GLN B 218 29.81 -25.69 11.30
C GLN B 218 30.49 -25.48 9.96
N PHE B 219 31.81 -25.62 9.95
CA PHE B 219 32.56 -25.50 8.71
C PHE B 219 32.98 -26.88 8.18
N TYR B 220 32.58 -27.16 6.95
CA TYR B 220 32.97 -28.40 6.30
C TYR B 220 34.17 -28.16 5.38
N GLY B 221 35.29 -28.81 5.69
CA GLY B 221 36.51 -28.64 4.92
C GLY B 221 37.27 -29.93 4.72
N LEU B 222 38.59 -29.87 4.87
CA LEU B 222 39.45 -31.03 4.69
C LEU B 222 39.28 -32.02 5.84
N SER B 223 39.87 -33.20 5.68
CA SER B 223 39.87 -34.22 6.73
C SER B 223 41.28 -34.45 7.20
N GLU B 224 41.43 -35.04 8.39
CA GLU B 224 42.73 -35.37 8.94
C GLU B 224 43.59 -36.08 7.89
N ASN B 225 42.94 -36.92 7.09
CA ASN B 225 43.61 -37.71 6.07
C ASN B 225 44.19 -36.88 4.92
N ASP B 226 43.53 -35.77 4.60
CA ASP B 226 43.97 -34.93 3.50
C ASP B 226 45.41 -34.43 3.66
N GLU B 227 46.07 -34.18 2.54
CA GLU B 227 47.43 -33.68 2.55
C GLU B 227 47.47 -32.15 2.67
N TRP B 228 48.36 -31.64 3.53
CA TRP B 228 48.47 -30.21 3.77
C TRP B 228 49.93 -29.80 3.81
N THR B 229 50.34 -28.95 2.87
CA THR B 229 51.74 -28.60 2.70
C THR B 229 52.05 -27.17 3.11
N GLN B 230 51.02 -26.41 3.44
CA GLN B 230 51.19 -24.98 3.72
C GLN B 230 51.54 -24.68 5.17
N ASP B 231 51.75 -23.40 5.47
CA ASP B 231 52.26 -22.96 6.77
C ASP B 231 51.16 -22.86 7.83
N ARG B 232 50.01 -22.31 7.45
CA ARG B 232 48.92 -22.10 8.39
C ARG B 232 48.26 -23.41 8.83
N ALA B 233 47.34 -23.32 9.78
CA ALA B 233 46.65 -24.49 10.31
C ALA B 233 45.73 -25.11 9.26
N LYS B 234 45.79 -26.44 9.12
CA LYS B 234 44.97 -27.14 8.14
C LYS B 234 43.48 -26.87 8.39
N PRO B 235 42.77 -26.43 7.33
CA PRO B 235 41.35 -26.05 7.41
C PRO B 235 40.43 -27.26 7.44
N VAL B 236 40.56 -28.10 8.47
CA VAL B 236 39.73 -29.28 8.60
C VAL B 236 38.31 -28.92 9.02
N THR B 237 37.37 -29.82 8.73
CA THR B 237 35.99 -29.65 9.20
C THR B 237 36.05 -29.35 10.69
N GLN B 238 35.26 -28.37 11.13
CA GLN B 238 35.36 -27.90 12.50
C GLN B 238 34.20 -27.00 12.92
N ILE B 239 34.16 -26.69 14.21
CA ILE B 239 33.21 -25.74 14.75
C ILE B 239 33.93 -24.47 15.19
N VAL B 240 33.27 -23.33 15.02
CA VAL B 240 33.80 -22.06 15.46
C VAL B 240 32.68 -21.28 16.12
N SER B 241 32.90 -20.81 17.34
CA SER B 241 31.82 -20.21 18.12
C SER B 241 32.11 -18.79 18.57
N ALA B 242 31.08 -18.17 19.14
CA ALA B 242 31.18 -16.86 19.74
C ALA B 242 30.05 -16.76 20.74
N GLU B 243 30.32 -16.16 21.90
CA GLU B 243 29.34 -16.11 22.96
C GLU B 243 29.13 -14.72 23.53
N ALA B 244 27.99 -14.53 24.16
CA ALA B 244 27.68 -13.28 24.85
C ALA B 244 26.77 -13.56 26.04
N TRP B 245 26.93 -12.78 27.10
CA TRP B 245 26.06 -12.88 28.25
C TRP B 245 25.19 -11.64 28.32
N GLY B 246 23.96 -11.80 28.80
CA GLY B 246 23.09 -10.67 29.04
C GLY B 246 23.71 -9.77 30.08
N ARG B 247 23.20 -8.56 30.22
CA ARG B 247 23.74 -7.64 31.23
C ARG B 247 22.94 -6.35 31.30
N ALA B 248 22.93 -5.76 32.48
CA ALA B 248 22.22 -4.51 32.71
C ALA B 248 23.18 -3.31 32.74
N PHE C 7 -49.48 11.71 11.82
CA PHE C 7 -48.29 11.22 12.53
C PHE C 7 -47.09 11.05 11.59
N PRO C 8 -46.47 12.17 11.19
CA PRO C 8 -45.36 12.17 10.24
C PRO C 8 -44.05 11.83 10.93
N LEU C 9 -43.14 11.20 10.20
CA LEU C 9 -41.81 10.91 10.71
C LEU C 9 -40.86 12.00 10.22
N ARG C 10 -40.30 12.75 11.16
CA ARG C 10 -39.40 13.83 10.81
C ARG C 10 -37.96 13.52 11.22
N CYS C 11 -37.08 13.35 10.23
CA CYS C 11 -35.67 13.14 10.49
C CYS C 11 -34.92 14.46 10.37
N LEU C 12 -34.38 14.94 11.48
CA LEU C 12 -33.70 16.23 11.49
C LEU C 12 -32.20 16.08 11.67
N GLN C 13 -31.44 16.85 10.89
CA GLN C 13 -29.98 16.84 10.96
C GLN C 13 -29.46 18.26 11.16
N ILE C 14 -28.49 18.39 12.06
CA ILE C 14 -27.88 19.69 12.32
C ILE C 14 -26.36 19.61 12.16
N SER C 15 -25.83 20.30 11.16
CA SER C 15 -24.40 20.30 10.89
C SER C 15 -23.83 21.70 11.02
N SER C 16 -22.90 21.88 11.95
CA SER C 16 -22.26 23.17 12.15
C SER C 16 -20.75 23.10 11.94
N PHE C 17 -20.26 23.89 10.98
CA PHE C 17 -18.84 23.93 10.68
C PHE C 17 -18.22 25.22 11.21
N ALA C 18 -17.49 25.12 12.32
CA ALA C 18 -16.82 26.28 12.91
C ALA C 18 -15.79 26.83 11.93
N ASN C 19 -14.65 26.17 11.86
CA ASN C 19 -13.65 26.45 10.86
C ASN C 19 -13.45 25.21 9.99
N SER C 20 -12.65 25.34 8.93
CA SER C 20 -12.40 24.19 8.07
C SER C 20 -11.86 23.02 8.89
N SER C 21 -11.57 23.27 10.17
CA SER C 21 -10.95 22.28 11.04
C SER C 21 -11.95 21.47 11.85
N TRP C 22 -12.96 22.16 12.39
CA TRP C 22 -13.81 21.60 13.43
C TRP C 22 -15.29 21.52 13.02
N THR C 23 -15.92 20.39 13.30
CA THR C 23 -17.32 20.19 12.93
C THR C 23 -18.04 19.12 13.77
N ARG C 24 -19.30 19.39 14.10
CA ARG C 24 -20.14 18.41 14.79
C ARG C 24 -21.47 18.25 14.07
N THR C 25 -21.98 17.03 14.02
CA THR C 25 -23.22 16.73 13.30
C THR C 25 -24.09 15.75 14.07
N ASP C 26 -25.23 16.23 14.55
CA ASP C 26 -26.15 15.40 15.32
C ASP C 26 -27.52 15.35 14.64
N GLY C 27 -28.22 14.23 14.82
CA GLY C 27 -29.53 14.05 14.24
C GLY C 27 -30.57 13.58 15.23
N LEU C 28 -31.84 13.61 14.83
CA LEU C 28 -32.93 13.10 15.64
C LEU C 28 -34.12 12.74 14.76
N ALA C 29 -34.98 11.87 15.28
CA ALA C 29 -36.16 11.45 14.54
C ALA C 29 -37.42 11.70 15.34
N TRP C 30 -38.26 12.58 14.85
CA TRP C 30 -39.55 12.83 15.46
C TRP C 30 -40.63 12.00 14.78
N LEU C 31 -41.43 11.31 15.57
CA LEU C 31 -42.62 10.65 15.05
C LEU C 31 -43.86 11.41 15.51
N GLY C 32 -44.36 12.29 14.66
CA GLY C 32 -45.39 13.21 15.08
C GLY C 32 -44.77 14.18 16.08
N GLU C 33 -45.29 14.16 17.31
CA GLU C 33 -44.81 15.07 18.34
C GLU C 33 -43.90 14.37 19.35
N LEU C 34 -43.49 13.15 19.05
CA LEU C 34 -42.64 12.41 19.97
C LEU C 34 -41.27 12.04 19.39
N GLN C 35 -40.22 12.61 19.99
CA GLN C 35 -38.85 12.30 19.58
C GLN C 35 -38.53 10.84 19.84
N THR C 36 -38.18 10.11 18.79
CA THR C 36 -37.95 8.67 18.89
C THR C 36 -36.46 8.34 18.97
N HIS C 37 -35.70 8.81 17.99
CA HIS C 37 -34.27 8.52 17.95
C HIS C 37 -33.41 9.77 18.11
N SER C 38 -32.15 9.56 18.43
CA SER C 38 -31.17 10.65 18.51
C SER C 38 -29.79 10.12 18.13
N TRP C 39 -29.12 10.83 17.23
CA TRP C 39 -27.78 10.44 16.82
C TRP C 39 -26.76 11.47 17.28
N SER C 40 -25.79 11.02 18.08
CA SER C 40 -24.75 11.89 18.58
C SER C 40 -23.52 11.85 17.69
N GLN C 41 -22.86 13.00 17.55
CA GLN C 41 -21.66 13.10 16.74
C GLN C 41 -20.59 12.12 17.22
N ASP C 42 -20.43 12.06 18.55
CA ASP C 42 -19.41 11.21 19.16
C ASP C 42 -19.71 9.72 18.94
N SER C 43 -20.83 9.27 19.48
CA SER C 43 -21.23 7.87 19.37
C SER C 43 -21.37 7.41 17.92
N ASP C 44 -21.11 6.13 17.67
CA ASP C 44 -21.24 5.55 16.34
C ASP C 44 -22.67 5.10 16.09
N THR C 45 -23.22 4.37 17.04
CA THR C 45 -24.58 3.85 16.91
C THR C 45 -25.64 4.90 17.19
N VAL C 46 -26.76 4.80 16.49
CA VAL C 46 -27.92 5.63 16.77
C VAL C 46 -28.56 5.17 18.06
N ARG C 47 -29.08 6.11 18.84
CA ARG C 47 -29.68 5.77 20.12
C ARG C 47 -31.21 5.83 20.05
N SER C 48 -31.84 4.73 20.40
CA SER C 48 -33.30 4.67 20.45
C SER C 48 -33.78 5.18 21.80
N LEU C 49 -34.75 6.10 21.77
CA LEU C 49 -35.27 6.68 22.99
C LEU C 49 -36.48 5.91 23.51
N LYS C 50 -37.25 5.33 22.60
CA LYS C 50 -38.38 4.50 22.97
C LYS C 50 -38.10 3.04 22.63
N PRO C 51 -38.67 2.11 23.40
CA PRO C 51 -38.45 0.67 23.19
C PRO C 51 -39.02 0.21 21.86
N TRP C 52 -40.05 0.90 21.38
CA TRP C 52 -40.69 0.57 20.11
C TRP C 52 -40.02 1.30 18.96
N SER C 53 -38.88 1.92 19.24
CA SER C 53 -38.14 2.68 18.24
C SER C 53 -37.86 1.87 16.98
N GLN C 54 -37.05 0.83 17.11
CA GLN C 54 -36.63 0.03 15.97
C GLN C 54 -37.82 -0.51 15.16
N GLY C 55 -39.03 -0.27 15.67
CA GLY C 55 -40.24 -0.69 14.99
C GLY C 55 -40.25 -2.16 14.63
N THR C 56 -40.75 -2.47 13.45
CA THR C 56 -40.87 -3.86 13.01
C THR C 56 -39.58 -4.39 12.43
N PHE C 57 -38.62 -3.51 12.17
CA PHE C 57 -37.36 -3.90 11.56
C PHE C 57 -36.54 -4.86 12.41
N SER C 58 -35.79 -5.74 11.75
CA SER C 58 -34.96 -6.71 12.44
C SER C 58 -33.68 -6.07 12.94
N ASP C 59 -32.89 -6.83 13.68
CA ASP C 59 -31.54 -6.40 14.04
C ASP C 59 -30.77 -6.21 12.76
N GLN C 60 -31.03 -7.09 11.80
CA GLN C 60 -30.37 -7.05 10.49
C GLN C 60 -30.79 -5.80 9.73
N GLN C 61 -32.05 -5.75 9.31
CA GLN C 61 -32.59 -4.61 8.59
C GLN C 61 -32.08 -3.30 9.19
N TRP C 62 -32.08 -3.23 10.51
CA TRP C 62 -31.64 -2.03 11.21
C TRP C 62 -30.15 -1.78 10.99
N GLU C 63 -29.34 -2.82 11.24
CA GLU C 63 -27.90 -2.71 11.13
C GLU C 63 -27.49 -2.17 9.77
N THR C 64 -28.14 -2.67 8.72
CA THR C 64 -27.89 -2.15 7.38
C THR C 64 -28.09 -0.65 7.40
N LEU C 65 -29.29 -0.23 7.77
CA LEU C 65 -29.66 1.18 7.74
C LEU C 65 -28.69 2.05 8.53
N GLN C 66 -28.27 1.57 9.70
CA GLN C 66 -27.33 2.32 10.52
C GLN C 66 -26.05 2.57 9.75
N HIS C 67 -25.54 1.54 9.09
CA HIS C 67 -24.35 1.67 8.25
C HIS C 67 -24.52 2.81 7.26
N ILE C 68 -25.62 2.78 6.53
CA ILE C 68 -25.91 3.81 5.54
C ILE C 68 -25.72 5.21 6.10
N PHE C 69 -26.33 5.47 7.25
CA PHE C 69 -26.19 6.76 7.92
C PHE C 69 -24.73 7.04 8.26
N ARG C 70 -24.06 6.04 8.82
CA ARG C 70 -22.66 6.18 9.23
C ARG C 70 -21.82 6.74 8.08
N VAL C 71 -21.89 6.09 6.93
CA VAL C 71 -21.16 6.54 5.74
C VAL C 71 -21.66 7.90 5.28
N TYR C 72 -22.97 8.10 5.32
CA TYR C 72 -23.56 9.37 4.92
C TYR C 72 -23.03 10.54 5.73
N ARG C 73 -23.18 10.47 7.04
CA ARG C 73 -22.75 11.55 7.93
C ARG C 73 -21.35 12.05 7.57
N SER C 74 -20.40 11.12 7.49
CA SER C 74 -19.05 11.45 7.07
C SER C 74 -19.06 12.03 5.66
N SER C 75 -19.55 11.25 4.72
CA SER C 75 -19.67 11.68 3.33
C SER C 75 -20.17 13.11 3.23
N PHE C 76 -21.37 13.34 3.75
CA PHE C 76 -21.98 14.67 3.75
C PHE C 76 -21.01 15.73 4.24
N THR C 77 -20.40 15.48 5.40
CA THR C 77 -19.53 16.45 6.06
C THR C 77 -18.40 16.95 5.14
N ARG C 78 -17.79 16.04 4.41
CA ARG C 78 -16.70 16.41 3.50
C ARG C 78 -17.25 17.17 2.29
N ASP C 79 -18.39 16.72 1.77
CA ASP C 79 -19.02 17.37 0.63
C ASP C 79 -19.18 18.87 0.88
N VAL C 80 -19.71 19.20 2.05
CA VAL C 80 -19.86 20.60 2.45
C VAL C 80 -18.50 21.29 2.43
N LYS C 81 -17.57 20.78 3.23
CA LYS C 81 -16.26 21.38 3.35
C LYS C 81 -15.61 21.59 1.99
N GLU C 82 -15.98 20.75 1.03
CA GLU C 82 -15.45 20.86 -0.33
C GLU C 82 -16.17 21.97 -1.09
N PHE C 83 -17.49 21.92 -1.13
CA PHE C 83 -18.29 22.98 -1.75
C PHE C 83 -17.87 24.34 -1.21
N ALA C 84 -17.53 24.38 0.07
CA ALA C 84 -17.04 25.60 0.69
C ALA C 84 -15.85 26.14 -0.09
N LYS C 85 -14.85 25.29 -0.32
CA LYS C 85 -13.69 25.65 -1.10
C LYS C 85 -14.11 26.02 -2.52
N MET C 86 -14.93 25.16 -3.11
CA MET C 86 -15.33 25.28 -4.50
C MET C 86 -16.15 26.53 -4.77
N LEU C 87 -16.97 26.92 -3.81
CA LEU C 87 -17.91 28.03 -4.00
C LEU C 87 -17.48 29.27 -3.22
N ARG C 88 -16.35 29.19 -2.55
CA ARG C 88 -15.75 30.34 -1.88
C ARG C 88 -16.56 30.79 -0.67
N LEU C 89 -17.44 29.93 -0.18
CA LEU C 89 -18.23 30.23 0.99
C LEU C 89 -17.31 30.45 2.19
N SER C 90 -17.84 31.08 3.23
CA SER C 90 -17.03 31.40 4.40
C SER C 90 -17.56 30.76 5.67
N TYR C 91 -16.69 30.14 6.44
CA TYR C 91 -17.05 29.63 7.75
C TYR C 91 -17.21 30.83 8.69
N PRO C 92 -18.01 30.67 9.76
CA PRO C 92 -18.71 29.46 10.19
C PRO C 92 -19.92 29.15 9.32
N LEU C 93 -20.29 27.87 9.26
CA LEU C 93 -21.45 27.44 8.50
C LEU C 93 -22.44 26.65 9.36
N GLU C 94 -23.72 26.72 8.99
CA GLU C 94 -24.77 25.99 9.67
C GLU C 94 -25.69 25.35 8.66
N LEU C 95 -25.51 24.05 8.42
CA LEU C 95 -26.40 23.31 7.53
C LEU C 95 -27.41 22.47 8.32
N GLN C 96 -28.66 22.52 7.87
CA GLN C 96 -29.73 21.76 8.50
C GLN C 96 -30.43 20.91 7.45
N VAL C 97 -31.03 19.81 7.88
CA VAL C 97 -31.72 18.91 6.97
C VAL C 97 -32.94 18.30 7.63
N SER C 98 -34.07 18.32 6.93
CA SER C 98 -35.32 17.80 7.46
C SER C 98 -36.05 17.00 6.40
N ALA C 99 -36.00 15.67 6.52
CA ALA C 99 -36.64 14.79 5.55
C ALA C 99 -37.33 13.61 6.20
N GLY C 100 -38.27 13.02 5.47
CA GLY C 100 -39.02 11.89 5.97
C GLY C 100 -40.29 11.68 5.17
N CYS C 101 -41.26 10.98 5.77
CA CYS C 101 -42.53 10.73 5.11
C CYS C 101 -43.66 10.55 6.13
N GLU C 102 -44.89 10.56 5.63
CA GLU C 102 -46.05 10.33 6.47
C GLU C 102 -46.96 9.33 5.77
N VAL C 103 -47.16 8.17 6.38
CA VAL C 103 -47.93 7.10 5.76
C VAL C 103 -49.43 7.33 5.92
N HIS C 104 -50.15 7.30 4.80
CA HIS C 104 -51.59 7.37 4.82
C HIS C 104 -52.17 5.97 4.77
N PRO C 105 -53.12 5.67 5.67
CA PRO C 105 -53.77 4.36 5.66
C PRO C 105 -54.52 4.15 4.35
N GLY C 106 -55.23 5.18 3.92
CA GLY C 106 -56.04 5.12 2.71
C GLY C 106 -55.22 5.11 1.44
N GLN C 107 -54.42 6.14 1.23
CA GLN C 107 -53.66 6.27 0.00
C GLN C 107 -52.15 6.14 0.22
N ALA C 108 -51.38 6.34 -0.84
CA ALA C 108 -49.92 6.26 -0.77
C ALA C 108 -49.35 7.38 0.08
N SER C 109 -48.14 7.17 0.60
CA SER C 109 -47.51 8.14 1.48
C SER C 109 -46.68 9.15 0.69
N ASN C 110 -46.69 10.40 1.16
CA ASN C 110 -45.86 11.44 0.57
C ASN C 110 -44.53 11.54 1.30
N ASN C 111 -43.54 12.11 0.65
CA ASN C 111 -42.23 12.29 1.27
C ASN C 111 -41.60 13.64 0.92
N PHE C 112 -40.57 14.01 1.67
CA PHE C 112 -39.93 15.30 1.50
C PHE C 112 -38.48 15.25 1.94
N PHE C 113 -37.61 15.95 1.22
CA PHE C 113 -36.20 16.04 1.61
C PHE C 113 -35.70 17.46 1.44
N HIS C 114 -35.76 18.25 2.52
CA HIS C 114 -35.34 19.64 2.48
C HIS C 114 -33.99 19.84 3.16
N VAL C 115 -33.31 20.91 2.77
CA VAL C 115 -32.04 21.28 3.38
C VAL C 115 -31.86 22.80 3.32
N ALA C 116 -31.37 23.37 4.41
CA ALA C 116 -31.21 24.81 4.50
C ALA C 116 -29.77 25.19 4.85
N PHE C 117 -29.29 26.29 4.25
CA PHE C 117 -27.94 26.77 4.49
C PHE C 117 -27.99 28.12 5.19
N GLN C 118 -27.41 28.19 6.38
CA GLN C 118 -27.38 29.43 7.17
C GLN C 118 -28.78 29.91 7.52
N GLY C 119 -29.69 28.96 7.76
CA GLY C 119 -31.02 29.28 8.20
C GLY C 119 -31.98 29.68 7.09
N LYS C 120 -31.72 29.19 5.88
CA LYS C 120 -32.58 29.51 4.75
C LYS C 120 -32.71 28.35 3.78
N ASP C 121 -33.94 27.91 3.53
CA ASP C 121 -34.21 26.90 2.51
C ASP C 121 -33.29 27.15 1.32
N ILE C 122 -32.61 26.10 0.86
CA ILE C 122 -31.73 26.24 -0.28
C ILE C 122 -32.10 25.27 -1.41
N LEU C 123 -32.23 23.99 -1.07
CA LEU C 123 -32.64 23.00 -2.06
C LEU C 123 -33.39 21.84 -1.43
N SER C 124 -34.08 21.08 -2.27
CA SER C 124 -34.86 19.94 -1.82
C SER C 124 -34.71 18.80 -2.81
N PHE C 125 -35.22 17.62 -2.46
CA PHE C 125 -35.25 16.50 -3.38
C PHE C 125 -36.69 16.16 -3.75
N GLN C 126 -37.03 16.32 -5.02
CA GLN C 126 -38.38 16.06 -5.49
C GLN C 126 -38.34 15.29 -6.81
N GLY C 127 -39.00 14.14 -6.84
CA GLY C 127 -38.99 13.29 -8.01
C GLY C 127 -37.71 12.49 -8.11
N THR C 128 -36.94 12.72 -9.15
CA THR C 128 -35.75 11.91 -9.43
C THR C 128 -34.43 12.68 -9.27
N SER C 129 -34.48 13.86 -8.67
CA SER C 129 -33.28 14.68 -8.58
C SER C 129 -33.34 15.74 -7.48
N TRP C 130 -32.37 16.65 -7.51
CA TRP C 130 -32.32 17.77 -6.58
C TRP C 130 -32.89 19.01 -7.25
N GLU C 131 -33.35 19.96 -6.44
CA GLU C 131 -33.90 21.20 -6.96
C GLU C 131 -33.74 22.34 -5.96
N PRO C 132 -33.34 23.52 -6.46
CA PRO C 132 -33.11 24.70 -5.64
C PRO C 132 -34.39 25.44 -5.27
N THR C 133 -34.47 25.92 -4.04
CA THR C 133 -35.62 26.69 -3.59
C THR C 133 -35.57 28.08 -4.19
N GLN C 134 -36.72 28.75 -4.22
CA GLN C 134 -36.83 30.09 -4.78
C GLN C 134 -36.00 31.08 -3.97
N GLU C 135 -35.53 30.63 -2.81
CA GLU C 135 -34.75 31.49 -1.91
C GLU C 135 -33.26 31.49 -2.27
N ALA C 136 -32.78 30.36 -2.78
CA ALA C 136 -31.35 30.18 -3.05
C ALA C 136 -30.87 30.93 -4.29
N PRO C 137 -29.76 31.67 -4.16
CA PRO C 137 -29.14 32.49 -5.21
C PRO C 137 -28.80 31.70 -6.47
N LEU C 138 -28.28 32.40 -7.47
CA LEU C 138 -28.01 31.81 -8.78
C LEU C 138 -26.65 31.15 -8.89
N TRP C 139 -25.85 31.21 -7.83
CA TRP C 139 -24.56 30.53 -7.81
C TRP C 139 -24.69 29.16 -7.15
N VAL C 140 -25.88 28.85 -6.65
CA VAL C 140 -26.15 27.55 -6.07
C VAL C 140 -26.41 26.52 -7.15
N ASN C 141 -26.82 27.01 -8.32
CA ASN C 141 -27.01 26.14 -9.49
C ASN C 141 -25.80 25.21 -9.64
N LEU C 142 -24.62 25.76 -9.35
CA LEU C 142 -23.39 24.99 -9.39
C LEU C 142 -23.51 23.74 -8.52
N ALA C 143 -23.55 23.96 -7.21
CA ALA C 143 -23.67 22.86 -6.26
C ALA C 143 -24.72 21.85 -6.71
N ILE C 144 -25.83 22.36 -7.24
CA ILE C 144 -26.91 21.51 -7.71
C ILE C 144 -26.46 20.66 -8.89
N GLN C 145 -25.84 21.32 -9.87
CA GLN C 145 -25.30 20.62 -11.03
C GLN C 145 -24.43 19.45 -10.59
N VAL C 146 -23.60 19.69 -9.58
CA VAL C 146 -22.71 18.66 -9.04
C VAL C 146 -23.48 17.52 -8.37
N LEU C 147 -24.32 17.86 -7.40
CA LEU C 147 -25.09 16.86 -6.67
C LEU C 147 -25.90 15.98 -7.59
N ASN C 148 -26.35 16.56 -8.71
CA ASN C 148 -27.20 15.84 -9.65
C ASN C 148 -26.42 14.92 -10.58
N GLN C 149 -25.15 15.22 -10.79
CA GLN C 149 -24.29 14.34 -11.59
C GLN C 149 -24.24 12.96 -10.96
N ASP C 150 -24.42 12.90 -9.65
CA ASP C 150 -24.27 11.66 -8.89
C ASP C 150 -25.53 10.80 -8.93
N LYS C 151 -25.52 9.80 -9.81
CA LYS C 151 -26.68 8.93 -9.99
C LYS C 151 -26.97 8.06 -8.78
N TRP C 152 -25.98 7.30 -8.33
CA TRP C 152 -26.19 6.33 -7.25
C TRP C 152 -26.86 6.94 -6.03
N THR C 153 -26.39 8.11 -5.59
CA THR C 153 -26.99 8.77 -4.43
C THR C 153 -28.47 9.08 -4.65
N ARG C 154 -28.78 9.71 -5.78
CA ARG C 154 -30.16 10.04 -6.12
C ARG C 154 -31.04 8.81 -6.06
N GLU C 155 -30.62 7.72 -6.70
CA GLU C 155 -31.32 6.45 -6.61
C GLU C 155 -31.63 6.13 -5.16
N THR C 156 -30.57 6.00 -4.36
CA THR C 156 -30.69 5.65 -2.96
C THR C 156 -31.65 6.57 -2.20
N VAL C 157 -31.48 7.88 -2.40
CA VAL C 157 -32.36 8.85 -1.75
C VAL C 157 -33.83 8.53 -2.00
N GLN C 158 -34.15 8.16 -3.24
CA GLN C 158 -35.51 7.80 -3.61
C GLN C 158 -35.98 6.56 -2.87
N TRP C 159 -35.18 5.50 -2.94
CA TRP C 159 -35.51 4.25 -2.26
C TRP C 159 -35.83 4.46 -0.79
N LEU C 160 -35.22 5.48 -0.20
CA LEU C 160 -35.44 5.80 1.21
C LEU C 160 -36.81 6.45 1.43
N LEU C 161 -37.11 7.46 0.61
CA LEU C 161 -38.34 8.23 0.74
C LEU C 161 -39.58 7.39 0.38
N GLN C 162 -39.51 6.70 -0.74
CA GLN C 162 -40.65 5.95 -1.27
C GLN C 162 -40.68 4.50 -0.79
N GLY C 163 -39.52 3.94 -0.45
CA GLY C 163 -39.43 2.53 -0.16
C GLY C 163 -38.91 2.12 1.21
N THR C 164 -38.33 3.07 1.94
CA THR C 164 -37.77 2.75 3.25
C THR C 164 -38.52 3.43 4.38
N CYS C 165 -38.49 4.76 4.40
CA CYS C 165 -39.20 5.54 5.42
C CYS C 165 -40.60 5.00 5.68
N PRO C 166 -41.41 4.86 4.62
CA PRO C 166 -42.79 4.40 4.75
C PRO C 166 -42.86 3.07 5.49
N GLN C 167 -42.07 2.09 5.05
CA GLN C 167 -42.04 0.80 5.72
C GLN C 167 -41.76 0.98 7.21
N PHE C 168 -40.67 1.66 7.52
CA PHE C 168 -40.25 1.86 8.90
C PHE C 168 -41.29 2.61 9.73
N VAL C 169 -42.14 3.36 9.05
CA VAL C 169 -43.17 4.14 9.74
C VAL C 169 -44.36 3.27 10.15
N SER C 170 -44.76 2.37 9.26
CA SER C 170 -45.85 1.44 9.56
C SER C 170 -45.42 0.46 10.65
N GLY C 171 -44.12 0.19 10.70
CA GLY C 171 -43.57 -0.66 11.75
C GLY C 171 -43.64 0.05 13.08
N LEU C 172 -43.46 1.37 13.07
CA LEU C 172 -43.55 2.18 14.27
C LEU C 172 -44.99 2.35 14.73
N LEU C 173 -45.86 2.78 13.81
CA LEU C 173 -47.26 2.97 14.11
C LEU C 173 -47.81 1.77 14.87
N GLU C 174 -47.50 0.57 14.37
CA GLU C 174 -47.89 -0.66 15.04
C GLU C 174 -47.23 -0.78 16.41
N SER C 175 -45.90 -0.85 16.41
CA SER C 175 -45.14 -1.04 17.64
C SER C 175 -45.36 0.09 18.66
N GLY C 176 -45.84 1.23 18.19
CA GLY C 176 -46.06 2.37 19.06
C GLY C 176 -47.53 2.67 19.27
N LYS C 177 -48.38 1.92 18.58
CA LYS C 177 -49.83 2.12 18.65
C LYS C 177 -50.33 2.51 20.05
N SER C 178 -49.86 1.78 21.06
CA SER C 178 -50.39 1.95 22.41
C SER C 178 -50.01 3.28 23.07
N GLU C 179 -48.79 3.75 22.83
CA GLU C 179 -48.33 4.98 23.46
C GLU C 179 -48.90 6.23 22.79
N LEU C 180 -48.92 6.22 21.45
CA LEU C 180 -49.47 7.34 20.71
C LEU C 180 -50.94 7.56 21.05
N LYS C 181 -51.58 6.54 21.60
CA LYS C 181 -53.00 6.63 21.94
C LYS C 181 -53.21 7.00 23.40
N LYS C 182 -52.13 7.07 24.17
CA LYS C 182 -52.24 7.45 25.57
C LYS C 182 -52.82 8.85 25.69
N GLN C 183 -53.35 9.18 26.87
CA GLN C 183 -53.92 10.48 27.14
C GLN C 183 -53.55 10.93 28.55
N VAL C 184 -53.43 12.24 28.75
CA VAL C 184 -53.05 12.78 30.05
C VAL C 184 -53.82 14.04 30.41
N LYS C 185 -54.71 13.94 31.38
CA LYS C 185 -55.50 15.08 31.85
C LYS C 185 -54.59 16.15 32.45
N PRO C 186 -54.74 17.40 31.98
CA PRO C 186 -53.95 18.54 32.45
C PRO C 186 -54.59 19.23 33.66
N LYS C 187 -53.77 19.63 34.62
CA LYS C 187 -54.25 20.42 35.75
C LYS C 187 -54.37 21.88 35.31
N ALA C 188 -55.45 22.55 35.73
CA ALA C 188 -55.69 23.93 35.32
C ALA C 188 -55.98 24.85 36.50
N TRP C 189 -55.64 26.13 36.35
CA TRP C 189 -55.86 27.11 37.41
C TRP C 189 -55.72 28.53 36.86
N LEU C 190 -56.29 29.49 37.57
CA LEU C 190 -56.23 30.90 37.15
C LEU C 190 -55.26 31.71 38.00
N SER C 191 -54.91 32.89 37.52
CA SER C 191 -53.93 33.74 38.20
C SER C 191 -54.07 35.20 37.79
N ARG C 192 -53.55 36.09 38.64
CA ARG C 192 -53.61 37.53 38.36
C ARG C 192 -52.68 37.89 37.21
N GLY C 193 -51.38 37.91 37.48
CA GLY C 193 -50.39 38.18 36.46
C GLY C 193 -50.00 39.64 36.40
N PRO C 194 -49.04 39.97 35.52
CA PRO C 194 -48.50 41.33 35.34
C PRO C 194 -49.58 42.31 34.87
N SER C 195 -49.31 43.61 35.02
CA SER C 195 -50.31 44.64 34.77
C SER C 195 -50.13 45.35 33.43
N PRO C 196 -51.23 45.47 32.67
CA PRO C 196 -51.27 46.21 31.40
C PRO C 196 -51.13 47.71 31.63
N LEU C 201 -55.75 45.44 34.11
CA LEU C 201 -55.37 44.23 34.81
C LEU C 201 -55.62 42.98 33.94
N LEU C 202 -54.54 42.33 33.52
CA LEU C 202 -54.66 41.15 32.66
C LEU C 202 -54.85 39.88 33.49
N LEU C 203 -55.64 38.95 32.97
CA LEU C 203 -55.90 37.68 33.64
C LEU C 203 -55.12 36.54 32.99
N VAL C 204 -54.86 35.49 33.76
CA VAL C 204 -54.09 34.36 33.25
C VAL C 204 -54.82 33.04 33.45
N CYS C 205 -54.79 32.19 32.42
CA CYS C 205 -55.37 30.87 32.49
C CYS C 205 -54.31 29.81 32.16
N HIS C 206 -53.89 29.05 33.17
CA HIS C 206 -52.79 28.11 33.00
C HIS C 206 -53.30 26.68 32.85
N VAL C 207 -52.68 25.93 31.94
CA VAL C 207 -52.97 24.51 31.76
C VAL C 207 -51.65 23.77 31.61
N SER C 208 -51.48 22.68 32.36
CA SER C 208 -50.20 21.98 32.37
C SER C 208 -50.32 20.47 32.56
N GLY C 209 -49.46 19.73 31.85
CA GLY C 209 -49.36 18.30 32.03
C GLY C 209 -50.33 17.49 31.20
N PHE C 210 -50.37 17.74 29.90
CA PHE C 210 -51.27 17.02 29.01
C PHE C 210 -50.59 16.44 27.77
N TYR C 211 -51.33 15.60 27.06
CA TYR C 211 -50.86 14.94 25.84
C TYR C 211 -52.04 14.16 25.28
N PRO C 212 -52.22 14.17 23.95
CA PRO C 212 -51.37 14.81 22.94
C PRO C 212 -51.42 16.34 22.96
N LYS C 213 -50.76 16.95 21.98
CA LYS C 213 -50.52 18.40 21.97
C LYS C 213 -51.76 19.24 21.66
N PRO C 214 -52.54 18.85 20.64
CA PRO C 214 -53.76 19.61 20.32
C PRO C 214 -54.58 19.92 21.55
N VAL C 215 -54.97 21.19 21.70
CA VAL C 215 -55.73 21.63 22.85
C VAL C 215 -56.56 22.86 22.52
N TRP C 216 -57.52 23.21 23.37
CA TRP C 216 -58.36 24.38 23.16
C TRP C 216 -58.61 25.13 24.46
N VAL C 217 -58.07 26.35 24.52
CA VAL C 217 -58.19 27.18 25.72
C VAL C 217 -58.58 28.60 25.36
N LYS C 218 -59.66 29.10 25.96
CA LYS C 218 -60.15 30.45 25.65
C LYS C 218 -60.98 31.06 26.77
N TRP C 219 -60.76 32.34 27.03
CA TRP C 219 -61.54 33.09 28.02
C TRP C 219 -62.93 33.39 27.45
N MET C 220 -63.93 33.35 28.31
CA MET C 220 -65.30 33.69 27.92
C MET C 220 -66.19 34.01 29.13
N ARG C 221 -66.97 35.06 29.01
CA ARG C 221 -67.83 35.51 30.11
C ARG C 221 -69.18 34.82 30.11
N GLY C 222 -69.49 34.14 29.01
CA GLY C 222 -70.76 33.45 28.88
C GLY C 222 -70.68 32.22 28.01
N GLU C 223 -71.80 31.53 27.84
CA GLU C 223 -71.86 30.34 27.00
C GLU C 223 -71.45 30.66 25.57
N GLN C 224 -71.35 31.96 25.28
CA GLN C 224 -70.85 32.42 23.99
C GLN C 224 -69.53 33.16 24.22
N GLU C 225 -68.43 32.50 23.90
CA GLU C 225 -67.09 33.03 24.16
C GLU C 225 -66.81 34.28 23.34
N GLN C 226 -65.58 34.79 23.45
CA GLN C 226 -65.20 36.00 22.76
C GLN C 226 -63.73 35.97 22.36
N GLN C 227 -63.43 36.50 21.18
CA GLN C 227 -62.06 36.67 20.74
C GLN C 227 -61.36 37.66 21.65
N GLY C 228 -60.10 37.97 21.36
CA GLY C 228 -59.34 38.90 22.19
C GLY C 228 -58.64 38.15 23.31
N THR C 229 -58.81 36.84 23.32
CA THR C 229 -58.10 35.98 24.26
C THR C 229 -56.74 35.62 23.67
N GLN C 230 -55.68 36.10 24.31
CA GLN C 230 -54.33 35.93 23.79
C GLN C 230 -53.69 34.62 24.24
N PRO C 231 -53.63 33.64 23.33
CA PRO C 231 -53.04 32.33 23.61
C PRO C 231 -51.53 32.38 23.63
N GLY C 232 -50.91 31.92 24.72
CA GLY C 232 -49.47 31.87 24.80
C GLY C 232 -48.91 30.83 23.85
N ASP C 233 -47.70 30.38 24.12
CA ASP C 233 -47.09 29.33 23.29
C ASP C 233 -47.04 28.01 24.05
N ILE C 234 -47.20 26.91 23.32
CA ILE C 234 -47.31 25.59 23.93
C ILE C 234 -45.95 24.98 24.24
N LEU C 235 -45.61 24.94 25.53
CA LEU C 235 -44.28 24.53 25.97
C LEU C 235 -44.27 23.10 26.49
N PRO C 236 -43.09 22.46 26.46
CA PRO C 236 -42.91 21.06 26.85
C PRO C 236 -42.39 20.85 28.27
N ASN C 237 -42.62 19.65 28.79
CA ASN C 237 -42.00 19.21 30.03
C ASN C 237 -41.24 17.91 29.77
N ALA C 238 -40.33 17.56 30.66
CA ALA C 238 -39.53 16.36 30.48
C ALA C 238 -40.38 15.09 30.40
N ASP C 239 -41.68 15.25 30.58
CA ASP C 239 -42.62 14.13 30.48
C ASP C 239 -43.21 14.04 29.08
N GLU C 240 -42.75 14.92 28.19
CA GLU C 240 -43.35 15.04 26.86
C GLU C 240 -44.75 15.65 26.97
N THR C 241 -45.10 16.05 28.19
CA THR C 241 -46.36 16.76 28.44
C THR C 241 -46.19 18.22 28.05
N TRP C 242 -47.28 18.96 28.03
CA TRP C 242 -47.24 20.36 27.60
C TRP C 242 -47.86 21.32 28.61
N TYR C 243 -47.57 22.61 28.44
CA TYR C 243 -48.03 23.65 29.33
C TYR C 243 -48.55 24.81 28.49
N LEU C 244 -49.49 25.60 29.03
CA LEU C 244 -50.08 26.67 28.24
C LEU C 244 -50.69 27.80 29.09
N ARG C 245 -50.47 29.04 28.64
CA ARG C 245 -51.05 30.21 29.29
C ARG C 245 -51.88 31.02 28.31
N ALA C 246 -53.19 31.07 28.56
CA ALA C 246 -54.08 31.95 27.81
C ALA C 246 -54.44 33.15 28.69
N THR C 247 -54.48 34.33 28.09
CA THR C 247 -54.67 35.55 28.85
C THR C 247 -55.63 36.54 28.19
N LEU C 248 -56.04 37.55 28.94
CA LEU C 248 -56.93 38.58 28.42
C LEU C 248 -56.72 39.88 29.20
N ASP C 249 -56.90 41.01 28.53
CA ASP C 249 -56.76 42.31 29.17
C ASP C 249 -58.13 42.96 29.36
N VAL C 250 -58.37 43.54 30.53
CA VAL C 250 -59.64 44.21 30.78
C VAL C 250 -59.56 45.23 31.90
N VAL C 251 -60.73 45.77 32.26
CA VAL C 251 -60.85 46.79 33.29
C VAL C 251 -60.66 46.21 34.68
N ALA C 255 -65.58 45.17 35.19
CA ALA C 255 -65.60 43.98 34.36
C ALA C 255 -64.80 42.86 35.02
N ALA C 256 -65.33 42.32 36.11
CA ALA C 256 -64.60 41.34 36.91
C ALA C 256 -65.00 39.89 36.59
N GLY C 257 -66.29 39.62 36.54
CA GLY C 257 -66.79 38.27 36.39
C GLY C 257 -66.64 37.66 35.00
N LEU C 258 -65.97 36.51 34.95
CA LEU C 258 -65.81 35.76 33.70
C LEU C 258 -65.20 34.39 33.99
N SER C 259 -65.12 33.54 32.97
CA SER C 259 -64.63 32.19 33.18
C SER C 259 -63.66 31.70 32.09
N CYS C 260 -62.97 30.60 32.39
CA CYS C 260 -62.04 29.98 31.46
C CYS C 260 -62.48 28.55 31.15
N ARG C 261 -62.36 28.16 29.88
CA ARG C 261 -62.74 26.82 29.46
C ARG C 261 -61.57 26.10 28.81
N VAL C 262 -61.57 24.77 28.90
CA VAL C 262 -60.50 23.97 28.35
C VAL C 262 -61.06 22.70 27.69
N LYS C 263 -60.83 22.57 26.39
CA LYS C 263 -61.30 21.40 25.65
C LYS C 263 -60.13 20.50 25.27
N HIS C 264 -60.19 19.24 25.69
CA HIS C 264 -59.15 18.29 25.38
C HIS C 264 -59.70 16.86 25.26
N SER C 265 -58.83 15.94 24.88
CA SER C 265 -59.23 14.56 24.64
C SER C 265 -58.98 13.66 25.86
N SER C 266 -58.39 14.22 26.90
CA SER C 266 -58.22 13.52 28.16
C SER C 266 -59.47 13.66 29.00
N LEU C 267 -59.90 14.91 29.18
CA LEU C 267 -61.15 15.21 29.85
C LEU C 267 -62.32 14.88 28.91
N GLU C 268 -62.31 13.65 28.40
CA GLU C 268 -63.24 13.23 27.35
C GLU C 268 -64.69 13.62 27.62
N GLY C 269 -65.27 14.39 26.70
CA GLY C 269 -66.66 14.79 26.79
C GLY C 269 -66.89 15.94 27.76
N GLN C 270 -66.09 16.00 28.82
CA GLN C 270 -66.27 17.00 29.85
C GLN C 270 -65.11 17.98 29.91
N ASP C 271 -65.33 19.20 29.40
CA ASP C 271 -64.32 20.23 29.43
C ASP C 271 -64.08 20.73 30.86
N ILE C 272 -63.17 21.68 31.02
CA ILE C 272 -62.89 22.26 32.33
C ILE C 272 -63.18 23.75 32.35
N VAL C 273 -63.89 24.19 33.38
CA VAL C 273 -64.26 25.59 33.52
C VAL C 273 -63.82 26.13 34.89
N LEU C 274 -63.39 27.38 34.90
CA LEU C 274 -62.99 28.06 36.13
C LEU C 274 -63.55 29.47 36.12
N TYR C 275 -63.50 30.17 37.25
CA TYR C 275 -64.18 31.44 37.35
C TYR C 275 -63.39 32.54 38.06
N TRP C 276 -63.78 33.79 37.82
CA TRP C 276 -63.09 34.98 38.32
C TRP C 276 -62.05 35.51 37.33
N GLN D 2 -28.02 35.95 12.89
CA GLN D 2 -29.38 36.24 12.46
C GLN D 2 -30.35 36.28 13.65
N ARG D 3 -31.10 35.21 13.84
CA ARG D 3 -32.16 35.17 14.86
C ARG D 3 -31.64 35.33 16.29
N THR D 4 -32.56 35.58 17.21
CA THR D 4 -32.21 35.78 18.62
C THR D 4 -33.18 35.02 19.53
N PRO D 5 -32.64 34.37 20.57
CA PRO D 5 -33.33 33.39 21.42
C PRO D 5 -34.49 33.95 22.25
N LYS D 6 -35.61 33.24 22.24
CA LYS D 6 -36.77 33.59 23.06
C LYS D 6 -36.78 32.76 24.33
N ILE D 7 -36.40 33.36 25.44
CA ILE D 7 -36.29 32.66 26.71
C ILE D 7 -37.60 32.68 27.50
N GLN D 8 -37.99 31.52 28.02
CA GLN D 8 -39.22 31.40 28.79
C GLN D 8 -39.06 30.40 29.94
N VAL D 9 -38.95 30.93 31.16
CA VAL D 9 -38.74 30.10 32.33
C VAL D 9 -40.07 29.74 33.01
N TYR D 10 -40.22 28.47 33.37
CA TYR D 10 -41.45 28.01 34.02
C TYR D 10 -41.23 26.74 34.85
N SER D 11 -42.32 26.19 35.38
CA SER D 11 -42.26 24.98 36.20
C SER D 11 -43.32 23.97 35.78
N ARG D 12 -43.08 22.70 36.13
CA ARG D 12 -43.98 21.63 35.75
C ARG D 12 -45.33 21.73 36.47
N HIS D 13 -45.29 21.81 37.79
CA HIS D 13 -46.49 22.04 38.58
C HIS D 13 -46.38 23.38 39.29
N PRO D 14 -47.52 24.00 39.62
CA PRO D 14 -47.50 25.23 40.42
C PRO D 14 -46.64 25.04 41.67
N ALA D 15 -45.98 26.10 42.12
CA ALA D 15 -44.98 26.00 43.17
C ALA D 15 -45.54 26.04 44.59
N GLU D 16 -45.57 24.88 45.23
CA GLU D 16 -45.90 24.79 46.65
C GLU D 16 -44.61 24.67 47.44
N ASN D 17 -44.17 25.78 48.03
CA ASN D 17 -42.92 25.83 48.76
C ASN D 17 -42.69 24.61 49.66
N GLY D 18 -41.48 24.05 49.59
CA GLY D 18 -41.14 22.88 50.37
C GLY D 18 -41.41 21.59 49.62
N LYS D 19 -42.30 21.66 48.64
CA LYS D 19 -42.62 20.51 47.81
C LYS D 19 -41.77 20.51 46.55
N SER D 20 -41.06 19.41 46.32
CA SER D 20 -40.12 19.32 45.19
C SER D 20 -40.84 19.51 43.86
N ASN D 21 -40.17 20.18 42.92
CA ASN D 21 -40.75 20.47 41.62
C ASN D 21 -39.70 20.54 40.51
N PHE D 22 -40.14 20.73 39.28
CA PHE D 22 -39.23 20.84 38.14
C PHE D 22 -39.22 22.24 37.56
N LEU D 23 -38.02 22.75 37.28
CA LEU D 23 -37.86 24.09 36.75
C LEU D 23 -37.38 24.06 35.30
N ASN D 24 -38.28 24.39 34.38
CA ASN D 24 -37.97 24.36 32.95
C ASN D 24 -37.53 25.72 32.41
N CYS D 25 -36.65 25.69 31.41
CA CYS D 25 -36.24 26.90 30.70
C CYS D 25 -36.22 26.62 29.19
N TYR D 26 -37.09 27.30 28.46
CA TYR D 26 -37.30 27.02 27.04
C TYR D 26 -36.71 28.09 26.16
N VAL D 27 -35.63 27.74 25.45
CA VAL D 27 -34.97 28.66 24.53
C VAL D 27 -35.38 28.32 23.10
N SER D 28 -35.85 29.31 22.35
CA SER D 28 -36.35 29.06 21.00
C SER D 28 -36.11 30.23 20.05
N GLY D 29 -36.35 29.97 18.76
CA GLY D 29 -36.28 30.99 17.73
C GLY D 29 -34.89 31.56 17.49
N PHE D 30 -33.87 30.90 18.03
CA PHE D 30 -32.50 31.39 17.91
C PHE D 30 -31.74 30.78 16.73
N HIS D 31 -30.74 31.51 16.25
CA HIS D 31 -29.92 31.07 15.12
C HIS D 31 -28.63 31.90 15.07
N PRO D 32 -27.48 31.22 14.90
CA PRO D 32 -27.38 29.78 14.68
C PRO D 32 -27.52 28.94 15.96
N SER D 33 -27.02 27.71 15.92
CA SER D 33 -27.33 26.71 16.93
C SER D 33 -26.44 26.73 18.19
N ASP D 34 -25.24 27.30 18.10
CA ASP D 34 -24.35 27.31 19.26
C ASP D 34 -24.88 28.23 20.37
N ILE D 35 -25.11 27.67 21.54
CA ILE D 35 -25.73 28.42 22.62
C ILE D 35 -25.23 27.99 23.99
N GLU D 36 -25.16 28.94 24.90
CA GLU D 36 -24.80 28.65 26.29
C GLU D 36 -26.03 28.86 27.18
N VAL D 37 -26.38 27.84 27.95
CA VAL D 37 -27.51 27.97 28.88
C VAL D 37 -27.12 27.57 30.30
N ASP D 38 -27.19 28.54 31.20
CA ASP D 38 -26.88 28.29 32.59
C ASP D 38 -28.08 28.58 33.47
N LEU D 39 -28.59 27.53 34.13
CA LEU D 39 -29.63 27.72 35.13
C LEU D 39 -29.01 28.32 36.38
N LEU D 40 -29.71 29.25 37.02
CA LEU D 40 -29.15 29.98 38.14
C LEU D 40 -29.93 29.78 39.44
N LYS D 41 -29.26 30.04 40.56
CA LYS D 41 -29.89 30.04 41.86
C LYS D 41 -29.30 31.18 42.67
N ASN D 42 -30.03 32.29 42.75
CA ASN D 42 -29.54 33.49 43.40
C ASN D 42 -28.30 34.01 42.68
N GLY D 43 -28.24 33.74 41.38
CA GLY D 43 -27.09 34.13 40.59
C GLY D 43 -25.95 33.14 40.74
N GLU D 44 -26.29 31.87 40.89
CA GLU D 44 -25.31 30.82 41.06
C GLU D 44 -25.63 29.61 40.19
N ARG D 45 -24.72 29.27 39.28
CA ARG D 45 -24.96 28.18 38.34
C ARG D 45 -25.21 26.86 39.05
N ILE D 46 -26.23 26.14 38.59
CA ILE D 46 -26.54 24.82 39.11
C ILE D 46 -25.77 23.76 38.34
N GLU D 47 -25.06 22.90 39.08
CA GLU D 47 -24.22 21.88 38.47
C GLU D 47 -25.04 20.80 37.78
N LYS D 48 -26.05 20.29 38.48
CA LYS D 48 -26.85 19.19 37.95
C LYS D 48 -28.11 19.67 37.23
N VAL D 49 -28.07 19.61 35.90
CA VAL D 49 -29.24 19.91 35.08
C VAL D 49 -29.23 19.06 33.81
N GLU D 50 -30.42 18.70 33.34
CA GLU D 50 -30.54 17.94 32.10
C GLU D 50 -31.10 18.84 31.00
N HIS D 51 -30.89 18.45 29.75
CA HIS D 51 -31.45 19.20 28.64
C HIS D 51 -31.87 18.28 27.48
N SER D 52 -32.94 18.68 26.80
CA SER D 52 -33.42 17.94 25.64
C SER D 52 -32.37 17.96 24.55
N ASP D 53 -32.59 17.19 23.50
CA ASP D 53 -31.73 17.26 22.32
C ASP D 53 -32.06 18.53 21.56
N LEU D 54 -31.05 19.19 21.03
CA LEU D 54 -31.28 20.37 20.21
C LEU D 54 -32.17 19.98 19.04
N SER D 55 -33.07 20.87 18.67
CA SER D 55 -33.96 20.64 17.54
C SER D 55 -34.41 21.97 16.93
N PHE D 56 -34.96 21.92 15.72
CA PHE D 56 -35.39 23.13 15.05
C PHE D 56 -36.83 23.04 14.54
N SER D 57 -37.50 24.18 14.49
CA SER D 57 -38.88 24.25 14.03
C SER D 57 -38.96 24.11 12.51
N LYS D 58 -40.14 24.38 11.96
CA LYS D 58 -40.33 24.36 10.52
C LYS D 58 -39.68 25.57 9.89
N ASP D 59 -39.53 26.63 10.68
CA ASP D 59 -38.90 27.86 10.21
C ASP D 59 -37.40 27.84 10.44
N TRP D 60 -36.88 26.65 10.75
CA TRP D 60 -35.44 26.43 10.86
C TRP D 60 -34.81 27.06 12.11
N SER D 61 -35.62 27.64 12.98
CA SER D 61 -35.10 28.18 14.24
C SER D 61 -34.88 27.03 15.20
N PHE D 62 -33.88 27.16 16.06
CA PHE D 62 -33.57 26.12 17.03
C PHE D 62 -34.38 26.30 18.30
N TYR D 63 -34.72 25.19 18.95
CA TYR D 63 -35.32 25.23 20.28
C TYR D 63 -34.73 24.14 21.17
N LEU D 64 -34.73 24.37 22.48
CA LEU D 64 -34.07 23.47 23.41
C LEU D 64 -34.71 23.61 24.77
N LEU D 65 -34.60 22.56 25.59
CA LEU D 65 -35.19 22.59 26.92
C LEU D 65 -34.21 22.17 28.02
N TYR D 66 -33.97 23.07 28.96
CA TYR D 66 -33.16 22.76 30.15
C TYR D 66 -34.08 22.63 31.36
N TYR D 67 -33.67 21.80 32.31
CA TYR D 67 -34.51 21.55 33.49
C TYR D 67 -33.77 20.85 34.61
N THR D 68 -34.24 21.04 35.84
CA THR D 68 -33.71 20.35 37.01
C THR D 68 -34.80 20.21 38.05
N GLU D 69 -34.58 19.33 39.02
CA GLU D 69 -35.51 19.18 40.13
C GLU D 69 -35.13 20.15 41.25
N PHE D 70 -35.98 21.14 41.49
CA PHE D 70 -35.66 22.18 42.45
C PHE D 70 -36.79 22.44 43.44
N THR D 71 -36.50 22.22 44.73
CA THR D 71 -37.44 22.52 45.79
C THR D 71 -37.45 24.02 46.07
N PRO D 72 -38.58 24.68 45.76
CA PRO D 72 -38.72 26.13 45.90
C PRO D 72 -38.81 26.62 47.35
N THR D 73 -38.44 27.87 47.56
CA THR D 73 -38.53 28.51 48.87
C THR D 73 -38.59 30.02 48.71
N GLU D 74 -39.35 30.68 49.57
CA GLU D 74 -39.49 32.12 49.51
C GLU D 74 -38.14 32.80 49.72
N ASP D 76 -35.45 31.68 47.89
CA ASP D 76 -34.50 31.35 46.83
C ASP D 76 -34.95 31.89 45.47
N GLU D 77 -34.13 32.76 44.89
CA GLU D 77 -34.41 33.27 43.56
C GLU D 77 -33.82 32.35 42.50
N TYR D 78 -34.60 32.05 41.47
CA TYR D 78 -34.14 31.23 40.36
C TYR D 78 -34.15 32.04 39.07
N ALA D 79 -33.32 31.65 38.12
CA ALA D 79 -33.22 32.36 36.84
C ALA D 79 -32.56 31.50 35.77
N CYS D 80 -32.61 31.98 34.53
CA CYS D 80 -32.03 31.25 33.41
C CYS D 80 -31.13 32.16 32.59
N ARG D 81 -29.82 31.97 32.72
CA ARG D 81 -28.85 32.79 32.00
C ARG D 81 -28.57 32.19 30.62
N VAL D 82 -28.48 33.06 29.62
CA VAL D 82 -28.24 32.64 28.25
C VAL D 82 -27.37 33.64 27.50
N ASN D 83 -26.36 33.13 26.81
CA ASN D 83 -25.58 33.97 25.92
C ASN D 83 -25.57 33.39 24.51
N HIS D 84 -25.70 34.26 23.52
CA HIS D 84 -25.78 33.83 22.14
C HIS D 84 -24.91 34.71 21.25
N VAL D 85 -24.80 34.36 19.97
CA VAL D 85 -24.05 35.16 19.02
C VAL D 85 -24.70 36.52 18.83
N THR D 86 -26.00 36.58 19.06
CA THR D 86 -26.76 37.82 18.90
C THR D 86 -26.92 38.55 20.23
N LEU D 87 -26.32 38.00 21.28
CA LEU D 87 -26.41 38.59 22.61
C LEU D 87 -25.09 39.24 23.04
N SER D 88 -25.06 40.56 23.02
CA SER D 88 -23.90 41.33 23.45
C SER D 88 -23.34 40.81 24.77
N GLN D 89 -24.19 40.77 25.79
CA GLN D 89 -23.82 40.24 27.10
C GLN D 89 -24.80 39.13 27.48
N PRO D 90 -24.37 38.23 28.37
CA PRO D 90 -25.27 37.16 28.82
C PRO D 90 -26.63 37.75 29.21
N LYS D 91 -27.70 37.01 28.93
CA LYS D 91 -29.04 37.47 29.28
C LYS D 91 -29.67 36.57 30.34
N ILE D 92 -30.35 37.19 31.30
CA ILE D 92 -30.97 36.44 32.39
C ILE D 92 -32.48 36.63 32.40
N VAL D 93 -33.21 35.55 32.61
CA VAL D 93 -34.67 35.60 32.68
C VAL D 93 -35.17 34.97 33.98
N LYS D 94 -35.67 35.80 34.88
CA LYS D 94 -36.10 35.36 36.20
C LYS D 94 -37.38 34.53 36.17
N TRP D 95 -37.60 33.77 37.23
CA TRP D 95 -38.75 32.88 37.33
C TRP D 95 -39.88 33.49 38.16
N ASP D 96 -41.07 33.55 37.58
CA ASP D 96 -42.25 34.07 38.27
C ASP D 96 -43.05 32.93 38.89
N ARG D 97 -43.43 33.10 40.16
CA ARG D 97 -44.15 32.06 40.88
C ARG D 97 -45.65 32.27 40.81
N ASN E 4 -4.13 1.13 4.66
CA ASN E 4 -4.50 1.74 3.37
C ASN E 4 -5.78 1.15 2.80
N GLN E 5 -6.58 1.99 2.15
CA GLN E 5 -7.89 1.60 1.65
C GLN E 5 -7.81 0.78 0.37
N VAL E 6 -6.65 0.78 -0.28
CA VAL E 6 -6.46 0.04 -1.52
C VAL E 6 -5.22 -0.85 -1.49
N GLU E 7 -5.43 -2.16 -1.59
CA GLU E 7 -4.33 -3.11 -1.59
C GLU E 7 -4.24 -3.86 -2.94
N GLN E 8 -3.03 -3.99 -3.46
CA GLN E 8 -2.80 -4.69 -4.72
C GLN E 8 -2.01 -5.98 -4.52
N SER E 9 -2.17 -6.90 -5.46
CA SER E 9 -1.42 -8.14 -5.46
C SER E 9 -1.32 -8.68 -6.89
N PRO E 10 -0.16 -9.27 -7.22
CA PRO E 10 0.96 -9.47 -6.31
C PRO E 10 1.83 -8.24 -6.23
N GLN E 11 2.83 -8.26 -5.36
CA GLN E 11 3.77 -7.15 -5.23
C GLN E 11 4.56 -6.94 -6.51
N SER E 12 5.06 -8.05 -7.07
CA SER E 12 5.77 -8.01 -8.34
C SER E 12 5.85 -9.42 -8.94
N LEU E 13 5.98 -9.49 -10.25
CA LEU E 13 6.08 -10.77 -10.94
C LEU E 13 6.84 -10.66 -12.26
N ILE E 14 7.47 -11.76 -12.67
CA ILE E 14 8.21 -11.81 -13.91
C ILE E 14 7.62 -12.86 -14.84
N ILE E 15 7.49 -12.51 -16.12
CA ILE E 15 6.85 -13.42 -17.08
C ILE E 15 7.50 -13.33 -18.45
N LEU E 16 7.56 -14.46 -19.14
CA LEU E 16 8.04 -14.49 -20.52
C LEU E 16 7.02 -13.84 -21.45
N GLU E 17 7.51 -13.16 -22.48
CA GLU E 17 6.62 -12.52 -23.45
C GLU E 17 5.77 -13.58 -24.13
N GLY E 18 4.54 -13.21 -24.49
CA GLY E 18 3.62 -14.14 -25.13
C GLY E 18 2.69 -14.81 -24.12
N LYS E 19 3.18 -14.98 -22.90
CA LYS E 19 2.38 -15.56 -21.84
C LYS E 19 1.37 -14.55 -21.30
N ASN E 20 0.44 -15.03 -20.49
CA ASN E 20 -0.58 -14.18 -19.90
C ASN E 20 -0.33 -13.91 -18.42
N CYS E 21 -1.07 -12.93 -17.88
CA CYS E 21 -1.01 -12.62 -16.46
C CYS E 21 -2.23 -11.82 -16.01
N THR E 22 -2.48 -11.81 -14.70
CA THR E 22 -3.65 -11.14 -14.16
C THR E 22 -3.29 -10.43 -12.85
N LEU E 23 -3.46 -9.11 -12.83
CA LEU E 23 -3.13 -8.32 -11.65
C LEU E 23 -4.37 -8.13 -10.79
N GLN E 24 -4.18 -8.17 -9.48
CA GLN E 24 -5.30 -8.13 -8.55
C GLN E 24 -5.38 -6.77 -7.83
N CYS E 25 -6.58 -6.43 -7.36
CA CYS E 25 -6.78 -5.19 -6.61
C CYS E 25 -7.99 -5.32 -5.69
N ASN E 26 -7.78 -4.99 -4.41
CA ASN E 26 -8.84 -5.08 -3.42
C ASN E 26 -8.96 -3.79 -2.62
N TYR E 27 -10.16 -3.20 -2.61
CA TYR E 27 -10.39 -1.92 -1.95
C TYR E 27 -11.42 -2.01 -0.84
N THR E 28 -11.28 -1.12 0.15
CA THR E 28 -12.24 -1.01 1.24
C THR E 28 -12.84 0.38 1.23
N VAL E 29 -12.52 1.14 0.19
CA VAL E 29 -13.02 2.50 0.04
C VAL E 29 -14.55 2.55 -0.01
N SER E 30 -15.12 3.53 0.70
CA SER E 30 -16.57 3.67 0.77
C SER E 30 -16.96 5.13 0.97
N PRO E 31 -17.93 5.61 0.19
CA PRO E 31 -18.62 4.81 -0.83
C PRO E 31 -17.77 4.62 -2.08
N PHE E 32 -18.22 3.74 -2.98
CA PHE E 32 -17.49 3.46 -4.21
C PHE E 32 -18.14 4.13 -5.41
N SER E 33 -17.32 4.77 -6.24
CA SER E 33 -17.81 5.43 -7.44
C SER E 33 -17.27 4.76 -8.69
N ASN E 34 -15.95 4.65 -8.79
CA ASN E 34 -15.35 4.05 -9.98
C ASN E 34 -13.91 3.57 -9.75
N LEU E 35 -13.44 2.71 -10.65
CA LEU E 35 -12.14 2.06 -10.52
C LEU E 35 -11.31 2.31 -11.76
N ARG E 36 -10.07 2.78 -11.57
CA ARG E 36 -9.17 3.02 -12.70
C ARG E 36 -7.93 2.13 -12.65
N TRP E 37 -7.35 1.90 -13.83
CA TRP E 37 -6.08 1.19 -13.93
C TRP E 37 -5.06 2.03 -14.66
N TYR E 38 -3.97 2.40 -13.97
CA TYR E 38 -2.91 3.18 -14.57
C TYR E 38 -1.66 2.32 -14.83
N LYS E 39 -1.01 2.57 -15.97
CA LYS E 39 0.26 1.94 -16.27
C LYS E 39 1.36 3.00 -16.28
N GLN E 40 2.37 2.81 -15.43
CA GLN E 40 3.44 3.79 -15.29
C GLN E 40 4.80 3.21 -15.60
N ASP E 41 5.32 3.52 -16.79
CA ASP E 41 6.63 3.04 -17.22
C ASP E 41 7.76 3.70 -16.43
N THR E 42 8.93 3.06 -16.43
CA THR E 42 10.08 3.56 -15.68
C THR E 42 10.38 5.02 -16.00
N GLY E 43 10.37 5.85 -14.96
CA GLY E 43 10.68 7.26 -15.10
C GLY E 43 9.81 7.96 -16.14
N ARG E 44 8.50 7.79 -16.01
CA ARG E 44 7.55 8.44 -16.91
C ARG E 44 6.24 8.69 -16.20
N GLY E 45 5.31 9.34 -16.88
CA GLY E 45 4.02 9.65 -16.29
C GLY E 45 3.08 8.47 -16.25
N PRO E 46 2.31 8.35 -15.17
CA PRO E 46 1.25 7.34 -15.09
C PRO E 46 0.26 7.53 -16.24
N VAL E 47 -0.02 6.47 -16.99
CA VAL E 47 -0.95 6.54 -18.09
C VAL E 47 -2.21 5.76 -17.79
N SER E 48 -3.36 6.35 -18.10
CA SER E 48 -4.65 5.73 -17.81
C SER E 48 -5.02 4.67 -18.85
N LEU E 49 -5.29 3.47 -18.38
CA LEU E 49 -5.66 2.36 -19.25
C LEU E 49 -7.18 2.26 -19.39
N THR E 50 -7.85 2.12 -18.25
CA THR E 50 -9.30 1.93 -18.26
C THR E 50 -9.99 2.60 -17.07
N ILE E 51 -11.21 3.07 -17.30
CA ILE E 51 -12.06 3.60 -16.24
C ILE E 51 -13.28 2.70 -16.09
N MET E 52 -13.65 2.38 -14.85
CA MET E 52 -14.80 1.51 -14.61
C MET E 52 -15.75 2.07 -13.55
N THR E 53 -17.00 2.31 -13.94
CA THR E 53 -18.05 2.64 -12.99
C THR E 53 -18.66 1.33 -12.49
N PHE E 54 -19.35 1.38 -11.35
CA PHE E 54 -19.89 0.17 -10.74
C PHE E 54 -20.91 -0.53 -11.63
N SER E 55 -21.48 0.21 -12.58
CA SER E 55 -22.47 -0.35 -13.49
C SER E 55 -21.81 -1.22 -14.56
N GLU E 56 -20.50 -1.11 -14.70
CA GLU E 56 -19.75 -1.89 -15.68
C GLU E 56 -18.85 -2.90 -14.98
N ASN E 57 -18.83 -4.12 -15.50
CA ASN E 57 -17.95 -5.15 -14.97
C ASN E 57 -16.80 -5.47 -15.94
N THR E 58 -16.75 -4.76 -17.06
CA THR E 58 -15.72 -4.99 -18.05
C THR E 58 -15.40 -3.74 -18.88
N LYS E 59 -14.11 -3.48 -19.06
CA LYS E 59 -13.65 -2.40 -19.92
C LYS E 59 -12.39 -2.86 -20.63
N SER E 60 -12.50 -3.10 -21.93
CA SER E 60 -11.38 -3.64 -22.69
C SER E 60 -10.65 -2.59 -23.52
N ASN E 61 -9.34 -2.55 -23.36
CA ASN E 61 -8.48 -1.66 -24.13
C ASN E 61 -7.24 -2.38 -24.62
N GLY E 62 -7.17 -2.61 -25.93
CA GLY E 62 -6.07 -3.35 -26.52
C GLY E 62 -6.02 -4.77 -25.99
N ARG E 63 -4.82 -5.20 -25.58
CA ARG E 63 -4.65 -6.53 -25.02
C ARG E 63 -5.01 -6.53 -23.54
N TYR E 64 -5.37 -5.36 -23.01
CA TYR E 64 -5.79 -5.25 -21.62
C TYR E 64 -7.31 -5.38 -21.49
N THR E 65 -7.74 -6.21 -20.54
CA THR E 65 -9.15 -6.27 -20.18
C THR E 65 -9.27 -6.22 -18.66
N ALA E 66 -10.09 -5.30 -18.16
CA ALA E 66 -10.26 -5.12 -16.73
C ALA E 66 -11.67 -5.46 -16.28
N THR E 67 -11.78 -6.28 -15.24
CA THR E 67 -13.08 -6.67 -14.71
C THR E 67 -13.29 -6.06 -13.33
N LEU E 68 -14.54 -5.68 -13.04
CA LEU E 68 -14.86 -5.07 -11.75
C LEU E 68 -16.02 -5.80 -11.07
N ASP E 69 -15.81 -6.19 -9.82
CA ASP E 69 -16.87 -6.78 -9.01
C ASP E 69 -17.12 -5.91 -7.78
N ALA E 70 -18.17 -5.09 -7.84
CA ALA E 70 -18.49 -4.15 -6.77
C ALA E 70 -18.87 -4.86 -5.47
N ASP E 71 -19.44 -6.04 -5.60
CA ASP E 71 -19.87 -6.81 -4.43
C ASP E 71 -18.71 -7.13 -3.51
N THR E 72 -17.74 -7.88 -4.03
CA THR E 72 -16.57 -8.28 -3.27
C THR E 72 -15.56 -7.13 -3.10
N LYS E 73 -15.80 -6.05 -3.81
CA LYS E 73 -14.92 -4.89 -3.76
C LYS E 73 -13.52 -5.22 -4.26
N GLN E 74 -13.43 -5.97 -5.35
CA GLN E 74 -12.14 -6.25 -5.97
C GLN E 74 -12.18 -6.14 -7.48
N SER E 75 -11.04 -5.80 -8.06
CA SER E 75 -10.90 -5.70 -9.51
C SER E 75 -9.64 -6.42 -9.96
N SER E 76 -9.66 -6.93 -11.18
CA SER E 76 -8.49 -7.58 -11.74
C SER E 76 -8.22 -7.08 -13.16
N LEU E 77 -6.95 -7.12 -13.56
CA LEU E 77 -6.55 -6.66 -14.88
C LEU E 77 -5.82 -7.76 -15.64
N HIS E 78 -6.45 -8.28 -16.69
CA HIS E 78 -5.85 -9.34 -17.50
C HIS E 78 -5.00 -8.74 -18.60
N ILE E 79 -3.85 -9.36 -18.85
CA ILE E 79 -2.98 -8.94 -19.95
C ILE E 79 -2.75 -10.13 -20.88
N THR E 80 -3.17 -9.99 -22.14
CA THR E 80 -3.08 -11.08 -23.10
C THR E 80 -1.87 -10.92 -24.02
N ALA E 81 -1.12 -11.99 -24.19
CA ALA E 81 0.07 -11.97 -25.04
C ALA E 81 1.00 -10.84 -24.63
N SER E 82 1.60 -10.97 -23.45
CA SER E 82 2.48 -9.93 -22.92
C SER E 82 3.66 -9.66 -23.86
N GLN E 83 4.04 -8.40 -23.96
CA GLN E 83 5.22 -8.00 -24.70
C GLN E 83 6.06 -7.06 -23.85
N LEU E 84 7.33 -6.92 -24.18
CA LEU E 84 8.28 -6.18 -23.36
C LEU E 84 7.78 -4.81 -22.93
N SER E 85 7.07 -4.13 -23.83
CA SER E 85 6.56 -2.80 -23.56
C SER E 85 5.60 -2.78 -22.37
N ASP E 86 5.23 -3.97 -21.90
CA ASP E 86 4.30 -4.10 -20.78
C ASP E 86 5.00 -4.01 -19.43
N SER E 87 6.32 -4.10 -19.44
CA SER E 87 7.08 -3.97 -18.20
C SER E 87 6.91 -2.58 -17.61
N ALA E 88 6.28 -2.51 -16.44
CA ALA E 88 5.99 -1.25 -15.78
C ALA E 88 5.25 -1.46 -14.46
N SER E 89 4.93 -0.36 -13.78
CA SER E 89 4.15 -0.43 -12.56
C SER E 89 2.68 -0.20 -12.88
N TYR E 90 1.83 -1.14 -12.48
CA TYR E 90 0.40 -1.03 -12.72
C TYR E 90 -0.32 -0.61 -11.46
N ILE E 91 -0.95 0.56 -11.52
CA ILE E 91 -1.57 1.16 -10.36
C ILE E 91 -3.09 1.02 -10.39
N CYS E 92 -3.67 0.66 -9.24
CA CYS E 92 -5.11 0.60 -9.09
C CYS E 92 -5.56 1.90 -8.43
N VAL E 93 -6.53 2.58 -9.05
CA VAL E 93 -7.05 3.84 -8.51
C VAL E 93 -8.57 3.80 -8.32
N VAL E 94 -9.02 4.18 -7.13
CA VAL E 94 -10.42 4.13 -6.77
C VAL E 94 -10.95 5.51 -6.38
N SER E 95 -12.18 5.81 -6.81
CA SER E 95 -12.79 7.10 -6.51
C SER E 95 -14.07 6.90 -5.69
N ASP E 96 -14.26 7.74 -4.67
CA ASP E 96 -15.39 7.58 -3.76
C ASP E 96 -16.66 8.31 -4.24
N ARG E 97 -16.48 9.29 -5.11
CA ARG E 97 -17.60 10.09 -5.59
C ARG E 97 -17.73 10.03 -7.11
N GLY E 98 -18.97 10.02 -7.58
CA GLY E 98 -19.25 10.06 -9.00
C GLY E 98 -19.29 11.47 -9.54
N SER E 99 -18.48 12.35 -8.95
CA SER E 99 -18.44 13.75 -9.32
C SER E 99 -17.06 14.34 -9.06
N THR E 100 -16.90 15.62 -9.42
CA THR E 100 -15.64 16.32 -9.19
C THR E 100 -15.36 16.41 -7.70
N LEU E 101 -16.35 16.03 -6.90
CA LEU E 101 -16.27 16.13 -5.46
C LEU E 101 -15.58 14.91 -4.87
N GLY E 102 -14.85 14.17 -5.70
CA GLY E 102 -14.34 12.88 -5.29
C GLY E 102 -12.87 12.84 -4.95
N ARG E 103 -12.54 12.13 -3.86
CA ARG E 103 -11.16 11.91 -3.47
C ARG E 103 -10.64 10.66 -4.18
N LEU E 104 -9.33 10.62 -4.43
CA LEU E 104 -8.73 9.46 -5.09
C LEU E 104 -7.79 8.69 -4.17
N TYR E 105 -7.84 7.37 -4.28
CA TYR E 105 -6.99 6.50 -3.48
C TYR E 105 -6.12 5.65 -4.41
N PHE E 106 -4.80 5.76 -4.25
CA PHE E 106 -3.87 5.06 -5.12
C PHE E 106 -3.24 3.86 -4.41
N GLY E 107 -3.06 2.76 -5.15
CA GLY E 107 -2.41 1.59 -4.62
C GLY E 107 -0.90 1.72 -4.72
N ARG E 108 -0.17 0.94 -3.93
CA ARG E 108 1.28 0.94 -3.99
C ARG E 108 1.74 0.47 -5.37
N GLY E 109 0.85 -0.21 -6.08
CA GLY E 109 1.13 -0.67 -7.43
C GLY E 109 1.69 -2.07 -7.49
N THR E 110 1.63 -2.66 -8.69
CA THR E 110 2.21 -3.97 -8.93
C THR E 110 3.33 -3.84 -9.95
N GLN E 111 4.50 -4.37 -9.64
CA GLN E 111 5.63 -4.28 -10.56
C GLN E 111 5.69 -5.47 -11.51
N LEU E 112 5.48 -5.21 -12.80
CA LEU E 112 5.47 -6.27 -13.79
C LEU E 112 6.66 -6.15 -14.72
N THR E 113 7.45 -7.23 -14.79
CA THR E 113 8.57 -7.30 -15.73
C THR E 113 8.35 -8.44 -16.72
N VAL E 114 8.51 -8.13 -18.01
CA VAL E 114 8.36 -9.13 -19.05
C VAL E 114 9.71 -9.45 -19.68
N TRP E 115 10.16 -10.68 -19.49
CA TRP E 115 11.38 -11.16 -20.13
C TRP E 115 11.06 -11.68 -21.52
N PRO E 116 12.04 -11.66 -22.42
CA PRO E 116 11.86 -12.16 -23.79
C PRO E 116 12.00 -13.67 -23.80
N ASP E 117 11.28 -14.34 -24.71
CA ASP E 117 11.41 -15.77 -24.86
C ASP E 117 12.48 -16.07 -25.90
N ILE E 118 13.63 -16.55 -25.44
CA ILE E 118 14.75 -16.86 -26.32
C ILE E 118 14.70 -18.31 -26.80
N GLN E 119 14.26 -18.51 -28.04
CA GLN E 119 14.13 -19.85 -28.59
C GLN E 119 15.49 -20.45 -28.96
N ASN E 120 16.32 -19.64 -29.61
CA ASN E 120 17.65 -20.09 -30.03
C ASN E 120 18.77 -19.28 -29.36
N PRO E 121 19.03 -19.57 -28.08
CA PRO E 121 20.06 -18.89 -27.29
C PRO E 121 21.47 -19.29 -27.70
N ASP E 122 22.40 -18.35 -27.65
CA ASP E 122 23.77 -18.59 -28.06
C ASP E 122 24.74 -17.78 -27.18
N PRO E 123 24.83 -18.16 -25.89
CA PRO E 123 25.62 -17.43 -24.88
C PRO E 123 27.05 -17.18 -25.33
N ALA E 124 27.52 -15.95 -25.13
CA ALA E 124 28.87 -15.57 -25.52
C ALA E 124 29.38 -14.38 -24.71
N VAL E 125 30.68 -14.34 -24.47
CA VAL E 125 31.32 -13.21 -23.81
C VAL E 125 32.36 -12.57 -24.73
N TYR E 126 32.13 -11.32 -25.10
CA TYR E 126 32.99 -10.65 -26.05
C TYR E 126 33.78 -9.51 -25.40
N GLN E 127 34.84 -9.07 -26.06
CA GLN E 127 35.61 -7.92 -25.60
C GLN E 127 35.64 -6.84 -26.67
N LEU E 128 35.12 -5.66 -26.33
CA LEU E 128 35.06 -4.54 -27.27
C LEU E 128 36.08 -3.47 -26.91
N ARG E 129 36.92 -3.13 -27.86
CA ARG E 129 37.93 -2.08 -27.66
C ARG E 129 37.33 -0.70 -27.91
N ASP E 130 37.91 0.31 -27.28
CA ASP E 130 37.44 1.68 -27.44
C ASP E 130 37.75 2.19 -28.84
N SER E 131 36.97 3.17 -29.29
CA SER E 131 37.13 3.71 -30.63
C SER E 131 38.14 4.85 -30.67
N LYS E 132 38.55 5.33 -29.50
CA LYS E 132 39.48 6.44 -29.42
C LYS E 132 40.74 6.10 -28.61
N SER E 133 40.59 5.99 -27.29
CA SER E 133 41.73 5.77 -26.41
C SER E 133 42.25 4.34 -26.47
N SER E 134 43.24 4.04 -25.65
CA SER E 134 43.92 2.75 -25.72
C SER E 134 44.27 2.16 -24.34
N ASP E 135 43.83 0.94 -24.11
CA ASP E 135 42.92 0.29 -25.03
C ASP E 135 41.53 0.37 -24.43
N LYS E 136 41.49 0.79 -23.16
CA LYS E 136 40.26 0.98 -22.42
C LYS E 136 39.14 0.11 -22.99
N SER E 137 39.15 -1.17 -22.64
CA SER E 137 38.18 -2.12 -23.17
C SER E 137 36.98 -2.29 -22.24
N VAL E 138 36.07 -3.18 -22.63
CA VAL E 138 34.88 -3.46 -21.84
C VAL E 138 34.31 -4.81 -22.26
N CYS E 139 33.70 -5.53 -21.33
CA CYS E 139 33.19 -6.87 -21.63
C CYS E 139 31.67 -6.91 -21.86
N LEU E 140 31.26 -7.64 -22.90
CA LEU E 140 29.85 -7.74 -23.25
C LEU E 140 29.34 -9.17 -23.19
N PHE E 141 28.52 -9.46 -22.19
CA PHE E 141 27.86 -10.76 -22.10
C PHE E 141 26.50 -10.67 -22.78
N THR E 142 26.33 -11.43 -23.86
CA THR E 142 25.13 -11.30 -24.67
C THR E 142 24.60 -12.64 -25.19
N ASP E 143 23.40 -12.60 -25.76
CA ASP E 143 22.76 -13.76 -26.36
C ASP E 143 22.58 -14.91 -25.38
N PHE E 144 21.89 -14.67 -24.27
CA PHE E 144 21.66 -15.72 -23.29
C PHE E 144 20.21 -15.83 -22.86
N ASP E 145 19.80 -17.05 -22.53
CA ASP E 145 18.44 -17.35 -22.10
C ASP E 145 18.01 -16.46 -20.94
N SER E 146 16.75 -16.02 -20.96
CA SER E 146 16.20 -15.20 -19.88
C SER E 146 16.18 -15.96 -18.56
N GLN E 147 16.32 -17.28 -18.65
CA GLN E 147 16.43 -18.13 -17.47
C GLN E 147 17.67 -17.73 -16.66
N THR E 148 18.77 -17.48 -17.36
CA THR E 148 20.00 -17.02 -16.73
C THR E 148 19.77 -15.66 -16.06
N ASN E 149 20.53 -15.40 -15.00
CA ASN E 149 20.41 -14.13 -14.29
C ASN E 149 21.75 -13.52 -13.92
N VAL E 150 21.90 -12.23 -14.22
CA VAL E 150 23.10 -11.48 -13.86
C VAL E 150 22.71 -10.19 -13.14
N SER E 151 23.27 -10.00 -11.95
CA SER E 151 22.91 -8.84 -11.13
C SER E 151 23.96 -7.73 -11.23
N GLN E 152 23.53 -6.51 -10.91
CA GLN E 152 24.42 -5.37 -10.86
C GLN E 152 25.41 -5.54 -9.71
N LYS E 154 26.23 -4.35 -6.95
CA LYS E 154 26.54 -3.21 -6.10
C LYS E 154 28.00 -3.23 -5.68
N ASP E 155 28.86 -3.71 -6.57
CA ASP E 155 30.30 -3.79 -6.29
C ASP E 155 31.03 -2.60 -6.89
N SER E 156 32.10 -2.17 -6.22
CA SER E 156 32.84 -0.98 -6.65
C SER E 156 34.21 -1.30 -7.24
N ASP E 157 34.57 -2.58 -7.30
CA ASP E 157 35.86 -2.99 -7.85
C ASP E 157 35.80 -3.00 -9.39
N VAL E 158 35.40 -4.17 -9.90
CA VAL E 158 34.85 -4.39 -11.22
C VAL E 158 33.35 -4.05 -11.27
N TYR E 159 32.87 -3.58 -12.42
CA TYR E 159 31.47 -3.19 -12.57
C TYR E 159 30.70 -4.09 -13.53
N ILE E 160 29.54 -4.55 -13.08
CA ILE E 160 28.65 -5.34 -13.94
C ILE E 160 27.29 -4.67 -14.06
N THR E 161 26.86 -4.46 -15.30
CA THR E 161 25.57 -3.82 -15.56
C THR E 161 24.44 -4.83 -15.36
N ASP E 162 23.21 -4.33 -15.26
CA ASP E 162 22.05 -5.18 -15.14
C ASP E 162 21.73 -5.80 -16.50
N LYS E 163 21.23 -7.02 -16.51
CA LYS E 163 20.81 -7.64 -17.75
C LYS E 163 19.79 -6.73 -18.42
N CYS E 164 19.84 -6.66 -19.75
CA CYS E 164 18.96 -5.75 -20.49
C CYS E 164 18.61 -6.33 -21.86
N VAL E 165 17.35 -6.16 -22.25
CA VAL E 165 16.88 -6.67 -23.53
C VAL E 165 16.80 -5.58 -24.60
N LEU E 166 17.38 -5.85 -25.76
CA LEU E 166 17.29 -4.95 -26.90
C LEU E 166 16.60 -5.68 -28.03
N ASP E 167 15.71 -4.99 -28.74
CA ASP E 167 14.92 -5.61 -29.79
C ASP E 167 15.19 -4.99 -31.15
N MET E 168 15.62 -5.82 -32.10
CA MET E 168 15.81 -5.39 -33.47
C MET E 168 14.54 -5.68 -34.26
N ARG E 169 13.68 -4.67 -34.36
CA ARG E 169 12.39 -4.81 -35.03
C ARG E 169 12.54 -5.32 -36.45
N SER E 170 13.50 -4.78 -37.18
CA SER E 170 13.75 -5.16 -38.56
C SER E 170 13.82 -6.66 -38.74
N MET E 171 14.62 -7.32 -37.90
CA MET E 171 14.88 -8.75 -38.04
C MET E 171 14.00 -9.61 -37.14
N ASP E 172 13.09 -8.99 -36.40
CA ASP E 172 12.26 -9.71 -35.44
C ASP E 172 13.15 -10.56 -34.54
N PHE E 173 14.25 -9.95 -34.09
CA PHE E 173 15.26 -10.65 -33.30
C PHE E 173 15.51 -9.90 -31.99
N LYS E 174 15.43 -10.62 -30.88
CA LYS E 174 15.63 -10.03 -29.56
C LYS E 174 16.77 -10.72 -28.82
N SER E 175 17.58 -9.95 -28.11
CA SER E 175 18.74 -10.52 -27.41
C SER E 175 18.98 -9.87 -26.06
N ASN E 176 19.53 -10.65 -25.13
CA ASN E 176 19.94 -10.13 -23.84
C ASN E 176 21.38 -9.67 -23.87
N SER E 177 21.77 -8.86 -22.89
CA SER E 177 23.15 -8.39 -22.80
C SER E 177 23.45 -7.82 -21.42
N ALA E 178 24.71 -7.92 -21.02
CA ALA E 178 25.19 -7.33 -19.78
C ALA E 178 26.62 -6.85 -19.97
N VAL E 179 26.91 -5.66 -19.43
CA VAL E 179 28.21 -5.06 -19.65
C VAL E 179 29.04 -5.01 -18.38
N ALA E 180 30.32 -5.39 -18.50
CA ALA E 180 31.24 -5.37 -17.37
C ALA E 180 32.52 -4.65 -17.76
N TRP E 181 32.95 -3.71 -16.91
CA TRP E 181 34.21 -3.00 -17.16
C TRP E 181 34.97 -2.81 -15.85
N SER E 182 36.26 -2.48 -15.97
CA SER E 182 37.13 -2.32 -14.80
C SER E 182 38.31 -1.43 -15.13
N ASN E 183 38.65 -0.54 -14.20
CA ASN E 183 39.76 0.39 -14.40
C ASN E 183 41.10 -0.24 -14.04
N LYS E 184 41.06 -1.45 -13.49
CA LYS E 184 42.26 -2.14 -13.05
C LYS E 184 42.83 -3.03 -14.15
N ASP E 186 45.01 -4.71 -14.57
CA ASP E 186 44.92 -6.12 -14.92
C ASP E 186 43.48 -6.61 -14.88
N PHE E 187 42.79 -6.58 -16.02
CA PHE E 187 41.42 -7.08 -16.03
C PHE E 187 41.16 -8.05 -17.19
N ALA E 188 40.59 -9.20 -16.86
CA ALA E 188 40.32 -10.23 -17.86
C ALA E 188 38.82 -10.55 -17.95
N CYS E 189 38.37 -10.87 -19.16
CA CYS E 189 36.96 -11.17 -19.41
C CYS E 189 36.52 -12.47 -18.74
N ALA E 190 37.42 -13.43 -18.67
CA ALA E 190 37.11 -14.73 -18.06
C ALA E 190 36.65 -14.56 -16.61
N ASN E 191 37.14 -13.49 -15.97
CA ASN E 191 36.82 -13.16 -14.58
C ASN E 191 35.50 -12.40 -14.42
N ALA E 192 35.51 -11.10 -14.74
CA ALA E 192 34.32 -10.27 -14.64
C ALA E 192 33.02 -11.06 -14.55
N PHE E 193 32.89 -12.06 -15.40
CA PHE E 193 31.73 -12.94 -15.41
C PHE E 193 32.07 -14.35 -14.92
N ASN E 194 32.70 -14.44 -13.76
CA ASN E 194 32.91 -15.74 -13.13
C ASN E 194 31.56 -15.98 -12.49
N ASN E 195 30.97 -14.82 -12.18
CA ASN E 195 30.15 -14.52 -10.99
C ASN E 195 28.64 -14.76 -10.99
N SER E 196 28.02 -14.86 -12.16
CA SER E 196 26.61 -15.23 -12.20
C SER E 196 26.48 -16.56 -12.93
N ILE E 197 25.33 -17.21 -12.81
CA ILE E 197 25.13 -18.48 -13.47
C ILE E 197 25.24 -18.32 -14.99
N ILE E 198 26.35 -18.80 -15.55
CA ILE E 198 26.59 -18.71 -16.97
C ILE E 198 26.29 -20.06 -17.59
N PRO E 199 25.44 -20.09 -18.63
CA PRO E 199 25.22 -21.35 -19.34
C PRO E 199 26.57 -21.99 -19.63
N GLU E 200 26.75 -23.24 -19.23
CA GLU E 200 28.06 -23.88 -19.33
C GLU E 200 28.63 -23.84 -20.74
N ASP E 201 27.81 -23.42 -21.70
CA ASP E 201 28.24 -23.34 -23.09
C ASP E 201 28.28 -21.87 -23.55
N THR E 202 29.46 -21.25 -23.47
CA THR E 202 29.60 -19.85 -23.83
C THR E 202 30.89 -19.59 -24.60
N PHE E 203 30.76 -19.00 -25.78
CA PHE E 203 31.90 -18.63 -26.60
C PHE E 203 32.80 -17.66 -25.83
N PHE E 204 34.07 -17.61 -26.22
CA PHE E 204 35.02 -16.71 -25.57
C PHE E 204 36.07 -16.19 -26.53
N PRO E 205 36.62 -15.00 -26.22
CA PRO E 205 37.72 -14.41 -26.98
C PRO E 205 39.05 -14.89 -26.41
N SER E 206 40.09 -14.91 -27.24
CA SER E 206 41.38 -15.40 -26.80
C SER E 206 42.47 -14.34 -27.00
N ALA F 4 0.83 13.28 -23.26
CA ALA F 4 -0.05 13.66 -24.35
C ALA F 4 -0.12 15.17 -24.51
N ASP F 5 -1.29 15.73 -24.25
CA ASP F 5 -1.53 17.17 -24.45
C ASP F 5 -1.19 18.01 -23.23
N ILE F 6 -0.53 17.41 -22.25
CA ILE F 6 -0.15 18.13 -21.04
C ILE F 6 1.37 18.26 -20.90
N TYR F 7 1.83 19.39 -20.39
CA TYR F 7 3.26 19.72 -20.42
C TYR F 7 3.89 20.02 -19.05
N GLN F 8 5.19 19.75 -18.94
CA GLN F 8 5.95 20.07 -17.74
C GLN F 8 7.39 20.45 -18.10
N THR F 9 7.94 21.41 -17.35
CA THR F 9 9.34 21.80 -17.51
C THR F 9 9.85 22.49 -16.25
N PRO F 10 11.10 22.19 -15.86
CA PRO F 10 11.98 21.26 -16.56
C PRO F 10 11.79 19.83 -16.07
N ARG F 11 12.20 18.85 -16.87
CA ARG F 11 12.11 17.46 -16.45
C ARG F 11 13.18 17.14 -15.41
N TYR F 12 14.27 17.87 -15.46
CA TYR F 12 15.35 17.70 -14.48
C TYR F 12 15.78 19.02 -13.86
N LEU F 13 15.90 19.03 -12.54
CA LEU F 13 16.39 20.21 -11.85
C LEU F 13 17.16 19.86 -10.59
N VAL F 14 18.37 20.41 -10.49
CA VAL F 14 19.20 20.27 -9.30
C VAL F 14 19.54 21.67 -8.80
N ILE F 15 19.16 21.97 -7.56
CA ILE F 15 19.29 23.32 -7.04
C ILE F 15 19.66 23.34 -5.57
N GLY F 16 20.36 24.39 -5.15
CA GLY F 16 20.81 24.52 -3.78
C GLY F 16 19.68 24.92 -2.84
N THR F 17 19.89 24.66 -1.54
CA THR F 17 18.90 24.98 -0.52
C THR F 17 18.63 26.48 -0.45
N GLY F 18 17.38 26.84 -0.20
CA GLY F 18 17.00 28.23 -0.01
C GLY F 18 16.61 28.95 -1.29
N LYS F 19 16.97 28.37 -2.43
CA LYS F 19 16.65 28.97 -3.72
C LYS F 19 15.16 28.82 -4.02
N LYS F 20 14.58 29.80 -4.69
CA LYS F 20 13.17 29.74 -5.06
C LYS F 20 12.95 28.95 -6.35
N ILE F 21 12.06 27.97 -6.29
CA ILE F 21 11.77 27.13 -7.45
C ILE F 21 10.32 27.25 -7.87
N THR F 22 10.05 27.07 -9.16
CA THR F 22 8.69 26.98 -9.67
C THR F 22 8.65 25.94 -10.78
N LEU F 23 7.71 25.02 -10.68
CA LEU F 23 7.55 23.99 -11.69
C LEU F 23 6.38 24.33 -12.62
N GLU F 24 6.67 24.59 -13.88
CA GLU F 24 5.65 24.98 -14.85
C GLU F 24 4.81 23.79 -15.30
N CYS F 25 3.53 24.02 -15.50
CA CYS F 25 2.61 22.99 -15.98
C CYS F 25 1.54 23.64 -16.86
N SER F 26 1.33 23.08 -18.04
CA SER F 26 0.37 23.64 -18.98
C SER F 26 -0.41 22.56 -19.74
N GLN F 27 -1.70 22.79 -19.93
CA GLN F 27 -2.55 21.85 -20.66
C GLN F 27 -3.14 22.52 -21.89
N THR F 28 -3.13 21.80 -23.02
CA THR F 28 -3.76 22.31 -24.24
C THR F 28 -5.24 21.95 -24.25
N MET F 29 -5.62 20.99 -23.42
CA MET F 29 -7.02 20.61 -23.25
C MET F 29 -7.69 21.59 -22.30
N GLY F 30 -9.02 21.68 -22.38
CA GLY F 30 -9.75 22.65 -21.59
C GLY F 30 -10.15 22.14 -20.22
N HIS F 31 -9.41 21.17 -19.70
CA HIS F 31 -9.72 20.57 -18.42
C HIS F 31 -9.79 21.59 -17.28
N ASP F 32 -10.86 21.51 -16.50
CA ASP F 32 -11.08 22.43 -15.38
C ASP F 32 -10.36 21.97 -14.12
N LYS F 33 -10.42 20.67 -13.85
CA LYS F 33 -9.78 20.13 -12.66
C LYS F 33 -8.35 19.71 -12.92
N MET F 34 -7.44 20.13 -12.05
CA MET F 34 -6.02 19.79 -12.15
C MET F 34 -5.46 19.35 -10.80
N TYR F 35 -4.49 18.44 -10.84
CA TYR F 35 -3.88 17.95 -9.61
C TYR F 35 -2.36 18.09 -9.68
N TRP F 36 -1.73 18.26 -8.52
CA TRP F 36 -0.28 18.19 -8.40
C TRP F 36 0.08 17.03 -7.48
N TYR F 37 0.86 16.09 -7.99
CA TYR F 37 1.27 14.94 -7.20
C TYR F 37 2.77 14.95 -6.88
N GLN F 38 3.12 14.37 -5.75
CA GLN F 38 4.52 14.15 -5.39
C GLN F 38 4.73 12.65 -5.26
N GLN F 39 5.70 12.13 -6.00
CA GLN F 39 5.94 10.68 -6.00
C GLN F 39 7.38 10.35 -5.65
N ASP F 40 7.59 9.95 -4.40
CA ASP F 40 8.90 9.48 -3.95
C ASP F 40 9.20 8.14 -4.62
N PRO F 41 10.47 7.91 -4.94
CA PRO F 41 10.87 6.67 -5.63
C PRO F 41 10.36 5.44 -4.91
N GLY F 42 9.61 4.58 -5.61
CA GLY F 42 9.11 3.36 -5.04
C GLY F 42 7.82 3.56 -4.25
N MET F 43 7.58 4.79 -3.82
CA MET F 43 6.37 5.12 -3.09
C MET F 43 5.20 5.34 -4.05
N GLU F 44 4.03 5.63 -3.49
CA GLU F 44 2.83 5.87 -4.30
C GLU F 44 2.65 7.36 -4.54
N LEU F 45 1.63 7.69 -5.34
CA LEU F 45 1.35 9.08 -5.67
C LEU F 45 0.74 9.83 -4.48
N HIS F 46 1.40 10.90 -4.08
CA HIS F 46 0.91 11.74 -2.99
C HIS F 46 0.27 13.00 -3.56
N LEU F 47 -0.94 13.32 -3.09
CA LEU F 47 -1.67 14.48 -3.60
C LEU F 47 -1.34 15.74 -2.79
N ILE F 48 -0.69 16.70 -3.44
CA ILE F 48 -0.25 17.90 -2.76
C ILE F 48 -1.14 19.11 -3.02
N HIS F 49 -1.61 19.25 -4.26
CA HIS F 49 -2.48 20.36 -4.64
C HIS F 49 -3.48 19.96 -5.72
N TYR F 50 -4.64 20.62 -5.72
CA TYR F 50 -5.65 20.38 -6.74
C TYR F 50 -6.45 21.65 -7.00
N SER F 51 -7.04 21.74 -8.19
CA SER F 51 -7.79 22.93 -8.58
C SER F 51 -9.02 22.56 -9.39
N TYR F 52 -10.16 23.14 -9.02
CA TYR F 52 -11.41 22.91 -9.75
C TYR F 52 -11.50 23.81 -10.98
N GLY F 53 -10.75 24.89 -10.96
CA GLY F 53 -10.74 25.84 -12.06
C GLY F 53 -10.00 27.11 -11.71
N VAL F 54 -9.98 28.05 -12.66
CA VAL F 54 -9.31 29.33 -12.45
C VAL F 54 -9.61 29.92 -11.09
N ASN F 55 -8.56 30.38 -10.40
CA ASN F 55 -8.69 30.98 -9.08
C ASN F 55 -8.97 29.98 -7.98
N SER F 56 -9.07 28.70 -8.35
CA SER F 56 -9.25 27.64 -7.37
C SER F 56 -7.93 26.94 -7.05
N THR F 57 -7.44 27.14 -5.83
CA THR F 57 -6.23 26.48 -5.37
C THR F 57 -6.43 25.92 -3.97
N GLU F 58 -6.32 24.59 -3.85
CA GLU F 58 -6.52 23.93 -2.58
C GLU F 58 -5.39 22.95 -2.26
N LYS F 59 -5.00 22.90 -1.00
CA LYS F 59 -3.97 21.98 -0.55
C LYS F 59 -4.53 20.57 -0.36
N GLY F 60 -3.76 19.57 -0.80
CA GLY F 60 -4.19 18.19 -0.69
C GLY F 60 -3.65 17.51 0.56
N LEU F 62 -1.49 15.78 2.13
CA LEU F 62 -0.21 16.13 2.74
C LEU F 62 0.00 17.65 2.71
N SER F 63 0.47 18.20 3.81
CA SER F 63 0.78 19.63 3.89
C SER F 63 2.23 19.89 3.52
N SER F 64 2.44 20.54 2.38
CA SER F 64 3.79 20.87 1.92
C SER F 64 4.04 22.37 2.02
N GLU F 65 5.31 22.77 1.93
CA GLU F 65 5.65 24.19 1.94
C GLU F 65 5.37 24.80 0.58
N SER F 66 4.93 23.96 -0.35
CA SER F 66 4.69 24.40 -1.72
C SER F 66 3.40 25.22 -1.86
N THR F 67 3.33 26.02 -2.91
CA THR F 67 2.13 26.81 -3.19
C THR F 67 1.75 26.68 -4.66
N VAL F 68 0.46 26.74 -4.95
CA VAL F 68 -0.02 26.61 -6.32
C VAL F 68 -0.91 27.79 -6.70
N SER F 69 -0.55 28.45 -7.80
CA SER F 69 -1.32 29.60 -8.28
C SER F 69 -2.00 29.27 -9.60
N ARG F 70 -3.31 29.53 -9.67
CA ARG F 70 -4.03 29.35 -10.92
C ARG F 70 -4.79 30.61 -11.31
N ILE F 71 -4.12 31.47 -12.08
CA ILE F 71 -4.73 32.69 -12.59
C ILE F 71 -5.28 32.44 -14.00
N ARG F 72 -5.07 31.22 -14.49
CA ARG F 72 -5.47 30.88 -15.85
C ARG F 72 -5.77 29.39 -15.97
N THR F 73 -6.63 29.04 -16.91
CA THR F 73 -7.01 27.65 -17.13
C THR F 73 -5.83 26.76 -17.50
N GLU F 74 -5.10 27.15 -18.55
CA GLU F 74 -4.07 26.29 -19.11
C GLU F 74 -2.77 26.26 -18.32
N HIS F 75 -2.66 27.08 -17.29
CA HIS F 75 -1.43 27.13 -16.49
C HIS F 75 -1.68 26.79 -15.03
N PHE F 76 -0.79 25.98 -14.46
CA PHE F 76 -0.94 25.52 -13.08
C PHE F 76 0.43 25.42 -12.41
N PRO F 77 1.15 26.55 -12.34
CA PRO F 77 2.52 26.61 -11.82
C PRO F 77 2.63 26.30 -10.33
N LEU F 78 3.58 25.44 -9.97
CA LEU F 78 3.81 25.09 -8.56
C LEU F 78 5.10 25.76 -8.10
N THR F 79 5.05 26.40 -6.94
CA THR F 79 6.18 27.19 -6.47
C THR F 79 6.60 26.84 -5.05
N LEU F 80 7.91 26.92 -4.82
CA LEU F 80 8.48 26.72 -3.49
C LEU F 80 9.31 27.94 -3.09
N GLU F 81 8.86 28.64 -2.06
CA GLU F 81 9.53 29.86 -1.61
C GLU F 81 10.98 29.60 -1.21
N SER F 82 11.19 28.55 -0.42
CA SER F 82 12.53 28.19 0.02
C SER F 82 12.76 26.69 -0.10
N ALA F 83 13.70 26.31 -0.96
CA ALA F 83 13.98 24.90 -1.23
C ALA F 83 14.58 24.20 -0.02
N ARG F 84 14.43 22.88 0.02
CA ARG F 84 14.93 22.07 1.13
C ARG F 84 14.96 20.60 0.74
N PRO F 85 16.05 19.90 1.09
CA PRO F 85 16.30 18.50 0.72
C PRO F 85 15.07 17.62 0.85
N SER F 86 14.22 17.90 1.83
CA SER F 86 13.01 17.11 2.03
C SER F 86 12.10 17.17 0.81
N HIS F 87 12.27 18.22 0.01
CA HIS F 87 11.43 18.43 -1.17
C HIS F 87 11.88 17.54 -2.34
N THR F 88 13.06 16.98 -2.23
CA THR F 88 13.58 16.09 -3.26
C THR F 88 12.58 14.99 -3.56
N SER F 89 12.18 14.90 -4.82
CA SER F 89 11.22 13.89 -5.25
C SER F 89 10.80 14.16 -6.68
N GLN F 90 9.91 13.33 -7.20
CA GLN F 90 9.35 13.57 -8.53
C GLN F 90 7.98 14.24 -8.41
N TYR F 91 7.78 15.29 -9.19
CA TYR F 91 6.52 16.03 -9.14
C TYR F 91 5.75 15.87 -10.44
N LEU F 92 4.55 15.29 -10.33
CA LEU F 92 3.71 15.05 -11.50
C LEU F 92 2.51 16.01 -11.51
N CYS F 93 2.14 16.44 -12.71
CA CYS F 93 0.96 17.30 -12.88
C CYS F 93 -0.10 16.57 -13.70
N ALA F 94 -1.35 16.64 -13.25
CA ALA F 94 -2.43 15.93 -13.92
C ALA F 94 -3.68 16.78 -14.07
N SER F 95 -4.48 16.48 -15.08
CA SER F 95 -5.74 17.14 -15.30
C SER F 95 -6.78 16.11 -15.71
N SER F 96 -7.99 16.23 -15.18
CA SER F 96 -9.06 15.29 -15.52
C SER F 96 -10.15 15.97 -16.33
N GLU F 97 -10.92 15.16 -17.06
CA GLU F 97 -11.98 15.68 -17.91
C GLU F 97 -13.17 15.77 -16.97
N GLU F 98 -12.93 15.35 -15.73
CA GLU F 98 -13.96 15.45 -14.67
C GLU F 98 -14.76 16.74 -14.68
N GLY F 99 -16.07 16.61 -14.44
CA GLY F 99 -16.96 17.75 -14.41
C GLY F 99 -17.87 17.81 -15.62
N ALA F 100 -18.71 18.84 -15.67
CA ALA F 100 -19.62 19.03 -16.80
C ALA F 100 -20.59 17.86 -16.97
N LEU F 101 -20.51 17.17 -18.10
CA LEU F 101 -21.44 16.10 -18.40
C LEU F 101 -20.82 14.94 -19.20
N LYS F 102 -21.00 13.74 -18.69
CA LYS F 102 -20.57 12.52 -19.36
C LYS F 102 -21.11 11.33 -18.57
N GLU F 103 -21.03 10.13 -19.14
CA GLU F 103 -21.49 8.94 -18.45
C GLU F 103 -20.41 8.38 -17.53
N SER F 104 -19.46 9.24 -17.19
CA SER F 104 -18.33 8.86 -16.33
C SER F 104 -17.45 10.07 -16.07
N VAL F 105 -16.82 10.09 -14.91
CA VAL F 105 -15.86 11.15 -14.58
C VAL F 105 -14.64 11.02 -15.47
N GLY F 106 -14.35 12.05 -16.24
CA GLY F 106 -13.23 12.04 -17.17
C GLY F 106 -11.99 11.40 -16.58
N THR F 107 -11.29 10.61 -17.38
CA THR F 107 -10.07 9.96 -16.93
C THR F 107 -9.01 11.00 -16.66
N GLN F 108 -7.92 10.58 -16.01
CA GLN F 108 -6.83 11.49 -15.69
C GLN F 108 -5.75 11.47 -16.77
N TYR F 109 -5.10 12.63 -16.95
CA TYR F 109 -3.98 12.73 -17.87
C TYR F 109 -2.78 13.33 -17.15
N PHE F 110 -1.65 12.61 -17.17
CA PHE F 110 -0.48 13.04 -16.44
C PHE F 110 0.60 13.61 -17.34
N GLY F 111 1.51 14.38 -16.75
CA GLY F 111 2.63 14.94 -17.48
C GLY F 111 3.86 14.07 -17.40
N PRO F 112 4.94 14.50 -18.08
CA PRO F 112 6.21 13.77 -18.12
C PRO F 112 6.87 13.69 -16.74
N GLY F 113 6.43 14.55 -15.82
CA GLY F 113 6.98 14.59 -14.49
C GLY F 113 8.24 15.42 -14.41
N THR F 114 8.61 15.79 -13.19
CA THR F 114 9.83 16.57 -12.94
C THR F 114 10.55 16.07 -11.69
N ARG F 115 11.75 15.53 -11.88
CA ARG F 115 12.55 15.06 -10.77
C ARG F 115 13.51 16.15 -10.32
N LEU F 116 13.23 16.78 -9.17
CA LEU F 116 14.15 17.77 -8.64
C LEU F 116 15.02 17.18 -7.54
N LEU F 117 16.27 17.65 -7.48
CA LEU F 117 17.20 17.21 -6.46
C LEU F 117 17.70 18.45 -5.71
N VAL F 118 17.41 18.52 -4.42
CA VAL F 118 17.85 19.64 -3.62
C VAL F 118 19.05 19.28 -2.76
N LEU F 119 20.07 20.12 -2.78
CA LEU F 119 21.31 19.86 -2.07
C LEU F 119 21.70 21.02 -1.17
N GLU F 120 22.53 20.75 -0.17
CA GLU F 120 23.08 21.81 0.68
C GLU F 120 24.11 22.59 -0.12
N ASP F 121 24.92 21.85 -0.87
CA ASP F 121 25.92 22.45 -1.75
C ASP F 121 25.84 21.83 -3.14
N LEU F 122 26.39 22.52 -4.13
CA LEU F 122 26.38 22.04 -5.50
C LEU F 122 27.79 21.60 -5.90
N LYS F 123 28.68 21.57 -4.93
CA LYS F 123 30.09 21.25 -5.17
C LYS F 123 30.30 19.83 -5.67
N ASN F 124 29.26 19.01 -5.59
CA ASN F 124 29.38 17.59 -5.95
C ASN F 124 28.80 17.22 -7.32
N VAL F 125 28.46 18.23 -8.11
CA VAL F 125 27.89 17.99 -9.43
C VAL F 125 28.97 17.78 -10.49
N PHE F 126 28.84 16.68 -11.24
CA PHE F 126 29.82 16.32 -12.25
C PHE F 126 29.16 15.97 -13.57
N PRO F 127 29.67 16.56 -14.67
CA PRO F 127 29.20 16.15 -15.99
C PRO F 127 29.71 14.75 -16.29
N PRO F 128 29.04 14.02 -17.20
CA PRO F 128 29.48 12.67 -17.53
C PRO F 128 30.63 12.66 -18.53
N GLU F 129 31.44 11.61 -18.49
CA GLU F 129 32.43 11.37 -19.52
C GLU F 129 31.93 10.19 -20.34
N VAL F 130 32.03 10.29 -21.66
CA VAL F 130 31.46 9.27 -22.54
C VAL F 130 32.50 8.58 -23.41
N ALA F 131 32.22 7.32 -23.73
CA ALA F 131 33.08 6.56 -24.62
C ALA F 131 32.25 5.54 -25.40
N VAL F 132 32.60 5.34 -26.67
CA VAL F 132 31.95 4.32 -27.48
C VAL F 132 32.92 3.15 -27.68
N PHE F 133 32.39 1.93 -27.66
CA PHE F 133 33.23 0.75 -27.80
C PHE F 133 32.84 -0.05 -29.04
N GLU F 134 33.79 -0.22 -29.95
CA GLU F 134 33.54 -0.88 -31.21
C GLU F 134 33.32 -2.38 -31.03
N PRO F 135 32.53 -2.98 -31.92
CA PRO F 135 32.14 -4.40 -31.87
C PRO F 135 33.34 -5.33 -31.91
N SER F 136 33.20 -6.51 -31.32
CA SER F 136 34.26 -7.52 -31.33
C SER F 136 34.27 -8.26 -32.66
N GLU F 137 35.44 -8.35 -33.28
CA GLU F 137 35.59 -9.07 -34.54
C GLU F 137 35.09 -10.51 -34.39
N ALA F 138 35.20 -11.03 -33.17
CA ALA F 138 34.72 -12.38 -32.88
C ALA F 138 33.21 -12.46 -32.97
N GLU F 139 32.53 -11.50 -32.32
CA GLU F 139 31.07 -11.45 -32.34
C GLU F 139 30.53 -11.48 -33.76
N ILE F 140 31.05 -10.58 -34.59
CA ILE F 140 30.62 -10.47 -35.99
C ILE F 140 30.64 -11.82 -36.71
N SER F 141 31.82 -12.44 -36.75
CA SER F 141 31.99 -13.68 -37.48
C SER F 141 31.11 -14.82 -36.95
N HIS F 142 30.70 -14.71 -35.69
CA HIS F 142 29.88 -15.76 -35.08
C HIS F 142 28.38 -15.52 -35.26
N THR F 143 27.90 -14.36 -34.82
CA THR F 143 26.48 -14.06 -34.85
C THR F 143 26.08 -13.29 -36.11
N GLN F 144 27.08 -12.82 -36.86
CA GLN F 144 26.82 -12.05 -38.06
C GLN F 144 26.16 -10.71 -37.72
N LYS F 145 26.26 -10.33 -36.46
CA LYS F 145 25.75 -9.04 -35.99
C LYS F 145 26.81 -8.35 -35.15
N ALA F 146 26.65 -7.04 -34.94
CA ALA F 146 27.67 -6.27 -34.24
C ALA F 146 27.05 -5.32 -33.21
N THR F 147 27.56 -5.36 -31.98
CA THR F 147 27.05 -4.51 -30.92
C THR F 147 28.04 -3.41 -30.52
N LEU F 148 27.64 -2.16 -30.69
CA LEU F 148 28.41 -1.04 -30.15
C LEU F 148 27.98 -0.84 -28.69
N VAL F 149 28.91 -0.39 -27.86
CA VAL F 149 28.60 -0.13 -26.47
C VAL F 149 28.95 1.30 -26.11
N CYS F 150 28.02 1.98 -25.43
CA CYS F 150 28.25 3.33 -24.97
C CYS F 150 28.40 3.33 -23.45
N LEU F 151 29.48 3.96 -22.97
CA LEU F 151 29.71 4.03 -21.53
C LEU F 151 29.81 5.49 -21.09
N ALA F 152 28.98 5.86 -20.12
CA ALA F 152 28.97 7.22 -19.58
C ALA F 152 29.22 7.16 -18.09
N THR F 153 30.33 7.77 -17.65
CA THR F 153 30.79 7.59 -16.28
C THR F 153 31.09 8.89 -15.55
N GLY F 154 31.05 8.84 -14.22
CA GLY F 154 31.49 9.94 -13.39
C GLY F 154 30.60 11.16 -13.39
N PHE F 155 29.29 10.95 -13.49
CA PHE F 155 28.35 12.06 -13.52
C PHE F 155 27.43 12.09 -12.30
N TYR F 156 27.12 13.30 -11.84
CA TYR F 156 26.23 13.51 -10.71
C TYR F 156 25.57 14.87 -10.79
N PRO F 157 24.26 14.93 -10.52
CA PRO F 157 23.45 13.77 -10.14
C PRO F 157 23.17 12.85 -11.32
N ASP F 158 22.16 11.99 -11.18
CA ASP F 158 21.84 11.03 -12.21
C ASP F 158 20.76 11.53 -13.18
N HIS F 159 20.70 12.85 -13.37
CA HIS F 159 19.81 13.44 -14.37
C HIS F 159 20.51 13.39 -15.72
N VAL F 160 20.08 12.46 -16.57
CA VAL F 160 20.81 12.18 -17.80
C VAL F 160 19.91 11.53 -18.85
N GLU F 161 20.17 11.84 -20.12
CA GLU F 161 19.42 11.24 -21.22
C GLU F 161 20.36 10.76 -22.34
N LEU F 162 20.61 9.45 -22.35
CA LEU F 162 21.48 8.85 -23.36
C LEU F 162 20.69 8.51 -24.62
N SER F 163 21.29 8.70 -25.78
CA SER F 163 20.63 8.44 -27.05
C SER F 163 21.63 8.12 -28.16
N TRP F 164 21.27 7.17 -29.02
CA TRP F 164 22.12 6.79 -30.14
C TRP F 164 21.73 7.53 -31.42
N TRP F 165 22.73 7.78 -32.27
CA TRP F 165 22.50 8.49 -33.52
C TRP F 165 23.31 7.88 -34.66
N VAL F 166 22.61 7.33 -35.65
CA VAL F 166 23.24 6.67 -36.79
C VAL F 166 23.10 7.50 -38.06
N ASN F 167 24.23 7.98 -38.58
CA ASN F 167 24.22 8.84 -39.77
C ASN F 167 23.29 10.04 -39.62
N GLY F 168 23.24 10.60 -38.41
CA GLY F 168 22.46 11.80 -38.16
C GLY F 168 21.06 11.56 -37.63
N LYS F 169 20.53 10.36 -37.84
CA LYS F 169 19.18 10.03 -37.39
C LYS F 169 19.15 9.22 -36.10
N GLU F 170 18.44 9.72 -35.10
CA GLU F 170 18.29 9.01 -33.84
C GLU F 170 17.62 7.66 -34.07
N VAL F 171 18.16 6.62 -33.44
CA VAL F 171 17.63 5.28 -33.65
C VAL F 171 17.08 4.71 -32.35
N HIS F 172 16.20 3.72 -32.47
CA HIS F 172 15.59 3.09 -31.31
C HIS F 172 15.66 1.57 -31.42
N SER F 173 15.51 1.07 -32.64
CA SER F 173 15.70 -0.35 -32.90
C SER F 173 17.17 -0.73 -32.67
N GLY F 174 17.38 -1.82 -31.92
CA GLY F 174 18.71 -2.29 -31.64
C GLY F 174 19.34 -1.64 -30.42
N VAL F 175 18.62 -0.72 -29.79
CA VAL F 175 19.13 -0.04 -28.61
C VAL F 175 18.58 -0.60 -27.29
N CYS F 176 19.47 -0.78 -26.33
CA CYS F 176 19.12 -1.21 -24.99
C CYS F 176 19.94 -0.43 -23.96
N THR F 177 19.26 0.32 -23.11
CA THR F 177 19.94 1.14 -22.11
C THR F 177 19.64 0.70 -20.69
N ASP F 178 20.63 0.81 -19.81
CA ASP F 178 20.48 0.44 -18.41
C ASP F 178 19.22 1.03 -17.81
N PRO F 179 18.45 0.22 -17.06
CA PRO F 179 17.24 0.68 -16.37
C PRO F 179 17.54 1.89 -15.50
N GLN F 180 18.56 1.77 -14.64
CA GLN F 180 18.96 2.87 -13.77
C GLN F 180 20.48 2.93 -13.64
N PRO F 181 21.02 4.15 -13.52
CA PRO F 181 22.46 4.34 -13.32
C PRO F 181 22.93 3.54 -12.11
N LEU F 182 24.20 3.17 -12.09
CA LEU F 182 24.75 2.47 -10.94
C LEU F 182 25.88 3.27 -10.29
N LYS F 183 25.82 3.40 -8.97
CA LYS F 183 26.78 4.20 -8.22
C LYS F 183 28.22 3.70 -8.39
N GLU F 184 29.13 4.64 -8.61
CA GLU F 184 30.54 4.31 -8.76
C GLU F 184 31.15 3.95 -7.41
N GLN F 185 30.80 4.73 -6.38
CA GLN F 185 31.24 4.47 -5.02
C GLN F 185 30.02 4.38 -4.12
N PRO F 186 29.35 3.21 -4.12
CA PRO F 186 28.04 3.01 -3.49
C PRO F 186 28.06 3.11 -1.97
N ALA F 187 29.22 3.41 -1.39
CA ALA F 187 29.32 3.52 0.07
C ALA F 187 29.01 4.93 0.56
N LEU F 188 28.91 5.87 -0.37
CA LEU F 188 28.61 7.26 -0.02
C LEU F 188 27.32 7.76 -0.67
N ASN F 189 26.51 8.48 0.11
CA ASN F 189 25.25 9.01 -0.38
C ASN F 189 25.43 9.87 -1.62
N ASP F 190 26.39 10.79 -1.58
CA ASP F 190 26.72 11.57 -2.76
C ASP F 190 27.81 10.86 -3.57
N SER F 191 27.38 10.06 -4.52
CA SER F 191 28.29 9.29 -5.36
C SER F 191 28.02 9.56 -6.83
N ARG F 192 29.06 9.53 -7.64
CA ARG F 192 28.90 9.66 -9.08
C ARG F 192 28.41 8.36 -9.69
N TYR F 193 27.73 8.46 -10.82
CA TYR F 193 27.10 7.29 -11.43
C TYR F 193 27.76 6.90 -12.73
N ALA F 194 27.52 5.67 -13.15
CA ALA F 194 27.93 5.19 -14.47
C ALA F 194 26.69 4.67 -15.17
N LEU F 195 26.69 4.71 -16.50
CA LEU F 195 25.54 4.27 -17.27
C LEU F 195 25.97 3.60 -18.56
N SER F 196 25.37 2.46 -18.85
CA SER F 196 25.70 1.72 -20.06
C SER F 196 24.57 1.76 -21.07
N SER F 197 24.90 1.49 -22.33
CA SER F 197 23.92 1.43 -23.40
C SER F 197 24.47 0.64 -24.58
N ARG F 198 23.61 -0.14 -25.21
CA ARG F 198 24.04 -1.01 -26.30
C ARG F 198 23.29 -0.70 -27.59
N LEU F 199 23.95 -0.93 -28.72
CA LEU F 199 23.32 -0.81 -30.03
C LEU F 199 23.80 -1.92 -30.92
N ARG F 200 22.87 -2.79 -31.33
CA ARG F 200 23.21 -3.89 -32.22
C ARG F 200 22.77 -3.59 -33.66
N VAL F 201 23.64 -3.89 -34.61
CA VAL F 201 23.35 -3.67 -36.01
C VAL F 201 23.92 -4.81 -36.84
N SER F 202 23.34 -5.04 -38.02
CA SER F 202 23.82 -6.11 -38.88
C SER F 202 25.31 -5.91 -39.15
N ALA F 203 26.05 -7.00 -39.21
CA ALA F 203 27.48 -6.95 -39.48
C ALA F 203 27.75 -6.22 -40.79
N THR F 204 26.79 -6.30 -41.71
CA THR F 204 26.89 -5.66 -43.01
C THR F 204 26.91 -4.14 -42.86
N PHE F 205 25.97 -3.61 -42.09
CA PHE F 205 25.87 -2.17 -41.87
C PHE F 205 27.14 -1.62 -41.20
N TRP F 206 27.60 -2.31 -40.17
CA TRP F 206 28.76 -1.85 -39.42
C TRP F 206 30.05 -1.90 -40.23
N GLN F 207 30.08 -2.77 -41.24
CA GLN F 207 31.29 -2.92 -42.05
C GLN F 207 31.38 -1.90 -43.18
N ASN F 208 30.42 -0.99 -43.22
CA ASN F 208 30.47 0.14 -44.14
C ASN F 208 31.11 1.35 -43.46
N PRO F 209 32.36 1.65 -43.82
CA PRO F 209 33.17 2.67 -43.17
C PRO F 209 32.56 4.06 -43.26
N ARG F 210 31.58 4.23 -44.14
CA ARG F 210 30.93 5.52 -44.29
C ARG F 210 29.68 5.63 -43.41
N ASN F 211 29.41 4.58 -42.64
CA ASN F 211 28.35 4.61 -41.64
C ASN F 211 28.85 5.19 -40.33
N HIS F 212 28.20 6.25 -39.86
CA HIS F 212 28.66 6.98 -38.68
C HIS F 212 27.78 6.70 -37.47
N PHE F 213 28.41 6.37 -36.35
CA PHE F 213 27.69 6.10 -35.11
C PHE F 213 28.11 7.09 -34.02
N ARG F 214 27.12 7.65 -33.33
CA ARG F 214 27.37 8.58 -32.24
C ARG F 214 26.34 8.40 -31.14
N CYS F 215 26.82 8.18 -29.92
CA CYS F 215 25.94 8.12 -28.77
C CYS F 215 26.20 9.35 -27.90
N GLN F 216 25.14 10.05 -27.54
CA GLN F 216 25.28 11.29 -26.79
C GLN F 216 24.52 11.24 -25.47
N VAL F 217 25.04 11.93 -24.46
CA VAL F 217 24.39 12.03 -23.17
C VAL F 217 24.01 13.47 -22.88
N GLN F 218 22.73 13.70 -22.61
CA GLN F 218 22.30 15.01 -22.15
C GLN F 218 22.46 15.05 -20.64
N PHE F 219 23.33 15.93 -20.16
CA PHE F 219 23.53 16.10 -18.74
C PHE F 219 22.86 17.37 -18.23
N TYR F 220 21.97 17.22 -17.26
CA TYR F 220 21.32 18.36 -16.66
C TYR F 220 22.04 18.73 -15.37
N GLY F 221 22.56 19.95 -15.31
CA GLY F 221 23.31 20.40 -14.16
C GLY F 221 23.04 21.84 -13.83
N LEU F 222 24.10 22.57 -13.48
CA LEU F 222 24.00 23.98 -13.12
C LEU F 222 23.69 24.83 -14.35
N SER F 223 23.38 26.11 -14.11
CA SER F 223 23.15 27.06 -15.19
C SER F 223 24.23 28.13 -15.14
N GLU F 224 24.39 28.83 -16.25
CA GLU F 224 25.35 29.93 -16.33
C GLU F 224 25.21 30.87 -15.13
N ASN F 225 23.97 31.06 -14.69
CA ASN F 225 23.65 31.96 -13.58
C ASN F 225 24.16 31.47 -12.22
N ASP F 226 24.20 30.15 -12.04
CA ASP F 226 24.64 29.57 -10.78
C ASP F 226 26.04 30.01 -10.38
N GLU F 227 26.28 30.04 -9.07
CA GLU F 227 27.59 30.42 -8.54
C GLU F 227 28.55 29.23 -8.49
N TRP F 228 29.78 29.44 -8.92
CA TRP F 228 30.78 28.38 -8.95
C TRP F 228 32.12 28.90 -8.43
N THR F 229 32.58 28.33 -7.32
CA THR F 229 33.76 28.84 -6.63
C THR F 229 34.96 27.90 -6.75
N GLN F 230 34.76 26.74 -7.35
CA GLN F 230 35.80 25.71 -7.40
C GLN F 230 36.74 25.87 -8.60
N ASP F 231 37.75 25.00 -8.66
CA ASP F 231 38.82 25.11 -9.66
C ASP F 231 38.44 24.53 -11.02
N ARG F 232 37.79 23.37 -11.01
CA ARG F 232 37.44 22.70 -12.26
C ARG F 232 36.34 23.44 -13.03
N ALA F 233 36.04 22.95 -14.23
CA ALA F 233 35.04 23.58 -15.08
C ALA F 233 33.63 23.41 -14.51
N LYS F 234 32.87 24.51 -14.49
CA LYS F 234 31.50 24.47 -13.95
C LYS F 234 30.66 23.43 -14.67
N PRO F 235 30.02 22.53 -13.91
CA PRO F 235 29.23 21.41 -14.45
C PRO F 235 27.86 21.86 -14.94
N VAL F 236 27.83 22.74 -15.93
CA VAL F 236 26.58 23.25 -16.47
C VAL F 236 25.87 22.20 -17.32
N THR F 237 24.56 22.35 -17.50
CA THR F 237 23.82 21.48 -18.39
C THR F 237 24.54 21.45 -19.72
N GLN F 238 24.68 20.27 -20.31
CA GLN F 238 25.50 20.14 -21.51
C GLN F 238 25.34 18.80 -22.21
N ILE F 239 25.92 18.71 -23.40
CA ILE F 239 25.97 17.46 -24.14
C ILE F 239 27.38 16.90 -24.16
N VAL F 240 27.49 15.58 -24.12
CA VAL F 240 28.78 14.91 -24.21
C VAL F 240 28.64 13.73 -25.14
N SER F 241 29.51 13.65 -26.14
CA SER F 241 29.34 12.65 -27.20
C SER F 241 30.53 11.73 -27.37
N ALA F 242 30.33 10.71 -28.20
CA ALA F 242 31.37 9.77 -28.58
C ALA F 242 30.95 9.18 -29.91
N GLU F 243 31.90 8.99 -30.81
CA GLU F 243 31.58 8.54 -32.16
C GLU F 243 32.43 7.38 -32.62
N ALA F 244 31.92 6.66 -33.61
CA ALA F 244 32.65 5.56 -34.21
C ALA F 244 32.24 5.42 -35.67
N TRP F 245 33.19 5.01 -36.52
CA TRP F 245 32.89 4.76 -37.91
C TRP F 245 33.00 3.26 -38.17
N GLY F 246 32.15 2.75 -39.06
CA GLY F 246 32.25 1.36 -39.47
C GLY F 246 33.60 1.14 -40.12
N ARG F 247 33.98 -0.12 -40.32
CA ARG F 247 35.25 -0.42 -40.94
C ARG F 247 35.43 -1.91 -41.18
N ALA F 248 36.17 -2.24 -42.23
CA ALA F 248 36.45 -3.63 -42.57
C ALA F 248 37.86 -4.03 -42.13
#